data_3KK1
#
_entry.id   3KK1
#
_cell.length_a   165.753
_cell.length_b   169.239
_cell.length_c   103.026
_cell.angle_alpha   90.00
_cell.angle_beta   90.00
_cell.angle_gamma   90.00
#
_symmetry.space_group_name_H-M   'C 2 2 21'
#
loop_
_entity.id
_entity.type
_entity.pdbx_description
1 polymer 'Reverse transcriptase p66 subunit'
2 polymer 'Reverse transcriptase p51 subunit'
3 polymer "5'-D(*AP*CP*A*GP*TP*CP*CP*CP*TP*GP*TP*TP*CP*GP*GP*GP*CP*GP*CP*CP*(DOC))-3'"
4 polymer "5'-D(*A*TP*GP*GP*TP*GP*GP*GP*CP*GP*CP*CP*CP*GP*AP*AP*CP*AP*GP*GP*GP*AP*CP*TP*GP*TP*G)-3'"
5 non-polymer 'SULFATE ION'
6 non-polymer 'MAGNESIUM ION'
7 non-polymer '[(2R,5R)-5-(6-aminopurin-9-yl)-4-fluoro-2,5-dihydrofuran-2-yl]oxymethyl-[hydroxy(phosphonooxy)phosphoryl]oxy-phosphinic acid'
8 water water
#
loop_
_entity_poly.entity_id
_entity_poly.type
_entity_poly.pdbx_seq_one_letter_code
_entity_poly.pdbx_strand_id
1 'polypeptide(L)'
;PISPIETVPVKLKPGMDGPKVKQWPLTEEKIKALVEICTEMEKEGKISKIGPENPYNTPVFAIKKKDSTKWRKLVDFREL
NKRTQDFWEVQLGIPHPAGLKKKKSVTVLDVGDAYFSVPLDEDFRKYTAFTIPSINNETPGIRYQYNVLPQGWKGSPAIF
QSSMTKILEPFRKQNPDIVIYQYMDDLYVGSDLEIGQHRTKIEELRQHLLRWGLTTPDKKHQKEPPFLWMGYELHPDKWT
VQPIVLPEKDSWTVNDICKLVGKLNWASQIYPGIKVRQLSKLLRGTKALTEVIPLTEEAELELAENREILKEPVHGVYYD
PSKDLIAEIQKQGQGQWTYQIYQEPFKNLKTGKYARMRGAHTNDVKQLTEAVQKITTESIVIWGKTPKFKLPIQKETWET
WWTEYWQATWIPEWEFVNTPPLVKLWYQLEKEPIVGAETFYVDGAANRETKLGKAGYVTNRGRQKVVTLTDTTNQKTELQ
AIYLALQDSGLEVNIVTDSQYALGIIQAQPDQSESELVNQIIEQLIKKEKVYLAWVPAHKGIGGNEQVDKLVSAGIRKVL
;
A
2 'polypeptide(L)'
;MGSSHHHHHHSSPISPIETVPVKLKPGMDGPKVKQWPLTEEKIKALVEICTEMEKEGKISKIGPENPYNTPVFAIKKKDS
TKWRKLVDFRELNKRTQDFWEVQLGIPHPAGLKKKKSVTVLDVGDAYFSVPLDEDFRKYTAFTIPSINNETPGIRYQYNV
LPQGWKGSPAIFQSSMTKILEPFRKQNPDIVIYQYMDDLYVGSDLEIGQHRTKIEELRQHLLRWGLTTPDKKHQKEPPFL
WMGYELHPDKWTVQPIVLPEKDSWTVNDIQKLVGKLNWASQIYPGIKVRQLSKLLRGTKALTEVIPLTEEAELELAENRE
ILKEPVHGVYYDPSKDLIAEIQKQGQGQWTYQIYQEPFKNLKTGKYARMRGAHTNDVKQLTEAVQKITTESIVIWGKTPK
FKLPIQKETWETWWTEYWQATWIPEWEFVNTPPLVKLWYQLEKEPIVGAETF
;
B
3 'polydeoxyribonucleotide'
;(DA)(DC)(DA)(DG)(DT)(DC)(DC)(DC)(DT)(DG)(DT)(DT)(DC)(DG)(DG)(DG)(DC)(DG)(DC)(DC)
(DOC)
;
P
4 'polydeoxyribonucleotide'
;(DA)(DT)(DG)(DG)(DT)(DG)(DG)(DG)(DC)(DG)(DC)(DC)(DC)(DG)(DA)(DA)(DC)(DA)(DG)(DG)
(DG)(DA)(DC)(DT)(DG)(DT)(DG)
;
T
#
loop_
_chem_comp.id
_chem_comp.type
_chem_comp.name
_chem_comp.formula
914 non-polymer '[(2R,5R)-5-(6-aminopurin-9-yl)-4-fluoro-2,5-dihydrofuran-2-yl]oxymethyl-[hydroxy(phosphonooxy)phosphoryl]oxy-phosphinic acid' 'C10 H13 F N5 O11 P3'
DA DNA linking 2'-DEOXYADENOSINE-5'-MONOPHOSPHATE 'C10 H14 N5 O6 P'
DC DNA linking 2'-DEOXYCYTIDINE-5'-MONOPHOSPHATE 'C9 H14 N3 O7 P'
DG DNA linking 2'-DEOXYGUANOSINE-5'-MONOPHOSPHATE 'C10 H14 N5 O7 P'
DOC DNA linking 2',3'-DIDEOXYCYTIDINE-5'-MONOPHOSPHATE 'C9 H14 N3 O6 P'
DT DNA linking THYMIDINE-5'-MONOPHOSPHATE 'C10 H15 N2 O8 P'
MG non-polymer 'MAGNESIUM ION' 'Mg 2'
SO4 non-polymer 'SULFATE ION' 'O4 S -2'
#
# COMPACT_ATOMS: atom_id res chain seq x y z
N PRO A 1 31.01 4.00 -30.76
CA PRO A 1 29.89 4.00 -31.75
C PRO A 1 28.61 4.55 -31.13
N ILE A 2 27.66 4.97 -31.98
CA ILE A 2 26.36 5.41 -31.50
C ILE A 2 25.30 4.37 -31.88
N SER A 3 24.50 3.96 -30.91
CA SER A 3 23.44 2.99 -31.17
C SER A 3 22.49 3.42 -32.28
N PRO A 4 22.26 2.52 -33.26
CA PRO A 4 21.33 2.68 -34.38
C PRO A 4 19.90 2.61 -33.90
N ILE A 5 19.70 2.56 -32.59
CA ILE A 5 18.38 2.44 -32.00
C ILE A 5 17.59 3.70 -32.27
N GLU A 6 16.26 3.58 -32.33
CA GLU A 6 15.42 4.76 -32.54
C GLU A 6 15.47 5.62 -31.29
N THR A 7 15.36 6.94 -31.47
CA THR A 7 15.34 7.87 -30.36
C THR A 7 14.04 7.79 -29.57
N VAL A 8 14.00 8.39 -28.39
CA VAL A 8 12.74 8.53 -27.67
C VAL A 8 12.27 9.97 -27.73
N PRO A 9 11.05 10.20 -28.22
CA PRO A 9 10.62 11.59 -28.41
C PRO A 9 10.45 12.35 -27.09
N VAL A 10 10.93 13.58 -27.06
CA VAL A 10 11.10 14.32 -25.81
C VAL A 10 10.65 15.75 -25.99
N LYS A 11 9.73 16.21 -25.15
CA LYS A 11 9.30 17.59 -25.23
C LYS A 11 9.70 18.36 -23.98
N LEU A 12 9.81 19.69 -24.12
CA LEU A 12 9.73 20.58 -22.97
C LEU A 12 8.27 20.56 -22.53
N LYS A 13 8.00 21.01 -21.31
CA LYS A 13 6.60 21.17 -20.89
C LYS A 13 5.99 22.36 -21.63
N PRO A 14 4.69 22.31 -21.92
CA PRO A 14 4.07 23.38 -22.69
C PRO A 14 4.39 24.78 -22.16
N GLY A 15 4.44 25.73 -23.08
CA GLY A 15 4.58 27.12 -22.68
C GLY A 15 5.99 27.54 -22.28
N MET A 16 6.84 26.57 -21.97
CA MET A 16 8.19 26.88 -21.49
C MET A 16 9.22 26.89 -22.61
N ASP A 17 10.37 27.49 -22.33
CA ASP A 17 11.44 27.60 -23.32
C ASP A 17 12.71 26.95 -22.77
N GLY A 18 13.75 26.91 -23.60
CA GLY A 18 14.99 26.28 -23.20
C GLY A 18 15.84 27.16 -22.30
N PRO A 19 16.83 26.57 -21.62
CA PRO A 19 17.67 27.27 -20.63
C PRO A 19 18.61 28.28 -21.28
N LYS A 20 18.61 29.50 -20.75
CA LYS A 20 19.62 30.47 -21.13
C LYS A 20 20.34 30.87 -19.84
N VAL A 21 21.36 30.10 -19.50
CA VAL A 21 22.06 30.21 -18.23
C VAL A 21 23.55 30.00 -18.48
N LYS A 22 24.32 31.08 -18.37
CA LYS A 22 25.69 31.07 -18.88
C LYS A 22 26.67 30.34 -18.00
N GLN A 23 27.74 29.84 -18.62
CA GLN A 23 28.71 29.02 -17.94
C GLN A 23 29.25 29.73 -16.72
N TRP A 24 29.77 28.97 -15.77
CA TRP A 24 30.45 29.55 -14.62
C TRP A 24 31.95 29.27 -14.73
N PRO A 25 32.75 29.89 -13.84
CA PRO A 25 34.21 29.73 -13.88
C PRO A 25 34.70 28.31 -13.60
N LEU A 26 35.48 27.78 -14.54
CA LEU A 26 35.92 26.38 -14.50
C LEU A 26 37.43 26.30 -14.28
N THR A 27 37.87 25.29 -13.53
CA THR A 27 39.29 25.08 -13.25
C THR A 27 40.07 24.83 -14.53
N GLU A 28 41.39 25.01 -14.47
CA GLU A 28 42.26 24.73 -15.60
C GLU A 28 42.39 23.23 -15.86
N GLU A 29 42.49 22.46 -14.78
CA GLU A 29 42.68 21.01 -14.90
C GLU A 29 41.48 20.34 -15.55
N LYS A 30 40.31 20.95 -15.36
CA LYS A 30 39.06 20.37 -15.84
C LYS A 30 38.75 20.81 -17.27
N ILE A 31 39.21 22.00 -17.64
CA ILE A 31 39.05 22.46 -19.01
C ILE A 31 39.96 21.63 -19.91
N LYS A 32 41.11 21.23 -19.38
CA LYS A 32 41.97 20.30 -20.07
C LYS A 32 41.24 18.97 -20.21
N ALA A 33 40.52 18.58 -19.17
CA ALA A 33 39.75 17.35 -19.21
C ALA A 33 38.59 17.50 -20.19
N LEU A 34 37.89 18.62 -20.09
CA LEU A 34 36.68 18.82 -20.87
C LEU A 34 36.89 18.93 -22.38
N VAL A 35 37.94 19.61 -22.81
CA VAL A 35 38.21 19.70 -24.25
C VAL A 35 38.73 18.39 -24.81
N GLU A 36 39.46 17.63 -23.99
CA GLU A 36 39.99 16.38 -24.50
C GLU A 36 38.84 15.40 -24.66
N ILE A 37 37.90 15.44 -23.72
CA ILE A 37 36.65 14.70 -23.83
C ILE A 37 35.83 15.18 -25.03
N CYS A 38 35.64 16.48 -25.14
CA CYS A 38 34.78 16.99 -26.20
C CYS A 38 35.31 16.80 -27.62
N THR A 39 36.60 17.03 -27.83
CA THR A 39 37.10 16.95 -29.19
C THR A 39 37.01 15.52 -29.71
N GLU A 40 37.05 14.56 -28.80
CA GLU A 40 36.89 13.17 -29.21
C GLU A 40 35.42 12.83 -29.39
N MET A 41 34.57 13.35 -28.51
CA MET A 41 33.14 13.13 -28.67
C MET A 41 32.68 13.68 -30.02
N GLU A 42 33.20 14.85 -30.36
CA GLU A 42 32.79 15.54 -31.56
C GLU A 42 33.34 14.87 -32.83
N LYS A 43 34.53 14.30 -32.74
CA LYS A 43 35.00 13.44 -33.82
C LYS A 43 34.02 12.30 -34.05
N GLU A 44 33.39 11.83 -32.98
CA GLU A 44 32.59 10.62 -33.03
C GLU A 44 31.12 10.93 -33.26
N GLY A 45 30.82 12.20 -33.51
CA GLY A 45 29.45 12.57 -33.80
C GLY A 45 28.56 12.62 -32.59
N LYS A 46 29.12 12.42 -31.40
CA LYS A 46 28.29 12.42 -30.18
C LYS A 46 27.83 13.81 -29.79
N ILE A 47 28.63 14.83 -30.13
CA ILE A 47 28.20 16.23 -30.02
C ILE A 47 28.57 17.04 -31.25
N SER A 48 27.90 18.18 -31.40
CA SER A 48 28.03 19.01 -32.58
C SER A 48 28.31 20.45 -32.18
N LYS A 49 29.32 21.05 -32.79
CA LYS A 49 29.54 22.48 -32.64
C LYS A 49 28.27 23.18 -33.14
N ILE A 50 27.67 24.01 -32.28
CA ILE A 50 26.52 24.83 -32.67
C ILE A 50 26.98 26.25 -32.99
N GLY A 51 26.12 27.00 -33.66
CA GLY A 51 26.39 28.41 -33.91
C GLY A 51 25.46 29.35 -33.15
N PRO A 52 25.54 30.66 -33.43
CA PRO A 52 24.71 31.68 -32.76
C PRO A 52 23.22 31.62 -33.12
N GLU A 53 22.85 30.64 -33.92
CA GLU A 53 21.43 30.32 -34.12
C GLU A 53 20.89 29.66 -32.86
N ASN A 54 21.80 29.22 -32.01
CA ASN A 54 21.44 28.58 -30.75
C ASN A 54 21.48 29.57 -29.59
N PRO A 55 20.30 30.00 -29.13
CA PRO A 55 20.14 30.95 -28.02
C PRO A 55 20.56 30.40 -26.66
N TYR A 56 20.40 29.09 -26.47
CA TYR A 56 20.41 28.47 -25.15
C TYR A 56 21.80 28.11 -24.63
N ASN A 57 21.87 27.73 -23.37
CA ASN A 57 23.14 27.29 -22.79
C ASN A 57 22.97 26.82 -21.35
N THR A 58 23.84 25.91 -20.92
CA THR A 58 23.73 25.31 -19.60
C THR A 58 25.13 25.02 -19.10
N PRO A 59 25.41 25.30 -17.82
CA PRO A 59 26.75 25.13 -17.21
C PRO A 59 27.26 23.68 -17.26
N VAL A 60 28.58 23.51 -17.23
CA VAL A 60 29.17 22.16 -17.21
C VAL A 60 30.39 22.07 -16.31
N PHE A 61 30.66 20.88 -15.79
CA PHE A 61 31.85 20.66 -14.97
C PHE A 61 32.29 19.21 -15.06
N ALA A 62 33.20 18.79 -14.19
CA ALA A 62 33.81 17.47 -14.32
C ALA A 62 34.27 16.90 -13.00
N ILE A 63 33.79 15.70 -12.68
CA ILE A 63 34.24 15.00 -11.50
C ILE A 63 34.92 13.72 -11.95
N LYS A 64 35.61 13.03 -11.04
CA LYS A 64 36.26 11.79 -11.40
C LYS A 64 35.34 10.58 -11.30
N LYS A 65 35.83 9.44 -11.75
CA LYS A 65 35.06 8.20 -11.68
C LYS A 65 35.64 7.29 -10.60
N LYS A 66 35.13 6.06 -10.50
CA LYS A 66 35.49 5.14 -9.43
C LYS A 66 36.99 4.93 -9.30
N ASP A 67 37.63 4.54 -10.41
CA ASP A 67 39.08 4.31 -10.40
C ASP A 67 39.83 5.59 -10.04
N SER A 68 39.19 6.73 -10.35
CA SER A 68 39.73 8.05 -10.04
C SER A 68 40.77 8.49 -11.07
N THR A 69 40.88 7.74 -12.16
CA THR A 69 41.74 8.15 -13.26
C THR A 69 40.93 8.86 -14.36
N LYS A 70 39.78 8.29 -14.70
CA LYS A 70 38.95 8.88 -15.74
C LYS A 70 38.09 10.02 -15.20
N TRP A 71 37.72 10.95 -16.09
CA TRP A 71 36.83 12.04 -15.74
C TRP A 71 35.41 11.80 -16.23
N ARG A 72 34.44 12.29 -15.50
CA ARG A 72 33.05 12.27 -15.96
C ARG A 72 32.54 13.67 -16.22
N LYS A 73 32.12 13.92 -17.45
CA LYS A 73 31.55 15.20 -17.83
C LYS A 73 30.07 15.28 -17.42
N LEU A 74 29.77 16.08 -16.41
CA LEU A 74 28.39 16.30 -16.01
C LEU A 74 27.90 17.62 -16.58
N VAL A 75 26.60 17.75 -16.78
CA VAL A 75 25.99 19.03 -17.13
C VAL A 75 24.93 19.37 -16.10
N ASP A 76 24.99 20.58 -15.55
CA ASP A 76 24.00 21.00 -14.56
C ASP A 76 22.76 21.52 -15.25
N PHE A 77 21.91 20.58 -15.68
CA PHE A 77 20.66 20.93 -16.35
C PHE A 77 19.55 21.27 -15.37
N ARG A 78 19.89 21.63 -14.13
CA ARG A 78 18.86 21.87 -13.11
C ARG A 78 17.72 22.70 -13.68
N GLU A 79 18.05 23.66 -14.53
CA GLU A 79 17.04 24.50 -15.14
C GLU A 79 16.30 23.81 -16.27
N LEU A 80 17.05 23.12 -17.15
CA LEU A 80 16.43 22.37 -18.23
C LEU A 80 15.52 21.27 -17.70
N ASN A 81 15.94 20.61 -16.64
CA ASN A 81 15.16 19.54 -16.05
C ASN A 81 13.78 20.03 -15.61
N LYS A 82 13.75 21.17 -14.93
CA LYS A 82 12.49 21.77 -14.52
C LYS A 82 11.62 22.00 -15.73
N ARG A 83 12.25 22.37 -16.83
CA ARG A 83 11.53 22.73 -18.05
C ARG A 83 11.16 21.53 -18.90
N THR A 84 11.79 20.38 -18.66
CA THR A 84 11.52 19.16 -19.44
C THR A 84 10.25 18.46 -18.96
N GLN A 85 9.52 17.85 -19.90
CA GLN A 85 8.35 17.03 -19.58
C GLN A 85 8.62 16.03 -18.46
N ASP A 86 7.54 15.41 -17.98
CA ASP A 86 7.63 14.32 -17.01
C ASP A 86 7.91 12.99 -17.70
N PHE A 87 8.59 12.09 -16.99
CA PHE A 87 8.69 10.69 -17.43
C PHE A 87 8.07 9.75 -16.41
N TRP A 88 7.81 8.52 -16.83
CA TRP A 88 7.58 7.42 -15.91
C TRP A 88 8.88 6.64 -15.82
N GLU A 89 9.47 6.59 -14.62
CA GLU A 89 10.71 5.87 -14.43
C GLU A 89 10.45 4.36 -14.55
N VAL A 90 11.38 3.63 -15.17
CA VAL A 90 11.18 2.19 -15.34
C VAL A 90 12.04 1.34 -14.41
N GLN A 91 12.90 1.99 -13.65
CA GLN A 91 13.72 1.30 -12.66
C GLN A 91 12.87 1.22 -11.39
N LEU A 92 12.35 0.03 -11.12
CA LEU A 92 11.33 -0.13 -10.10
C LEU A 92 11.94 -0.40 -8.72
N GLY A 93 13.24 -0.72 -8.70
CA GLY A 93 13.87 -1.11 -7.45
C GLY A 93 15.28 -1.58 -7.72
N ILE A 94 15.90 -2.17 -6.70
CA ILE A 94 17.33 -2.43 -6.74
C ILE A 94 17.56 -3.92 -6.57
N PRO A 95 18.17 -4.56 -7.58
CA PRO A 95 18.43 -6.00 -7.42
C PRO A 95 19.22 -6.30 -6.17
N HIS A 96 19.00 -7.49 -5.61
CA HIS A 96 19.71 -7.88 -4.41
C HIS A 96 20.38 -9.26 -4.50
N PRO A 97 21.65 -9.34 -4.09
CA PRO A 97 22.42 -10.57 -4.17
C PRO A 97 21.70 -11.79 -3.60
N ALA A 98 20.95 -11.58 -2.53
CA ALA A 98 20.32 -12.70 -1.85
C ALA A 98 19.24 -13.32 -2.73
N GLY A 99 18.95 -12.65 -3.83
CA GLY A 99 17.90 -13.13 -4.71
C GLY A 99 18.45 -13.84 -5.93
N LEU A 100 19.76 -13.73 -6.12
CA LEU A 100 20.48 -14.49 -7.13
C LEU A 100 20.42 -16.00 -6.82
N LYS A 101 20.37 -16.82 -7.88
CA LYS A 101 20.49 -18.26 -7.75
C LYS A 101 21.91 -18.74 -8.09
N LYS A 102 22.29 -19.91 -7.60
CA LYS A 102 23.57 -20.50 -7.97
C LYS A 102 23.63 -20.78 -9.47
N LYS A 103 24.66 -20.30 -10.15
CA LYS A 103 24.84 -20.63 -11.56
C LYS A 103 26.21 -21.30 -11.72
N LYS A 104 26.40 -22.10 -12.77
CA LYS A 104 27.69 -22.73 -13.02
C LYS A 104 28.72 -21.69 -13.46
N SER A 105 28.26 -20.71 -14.23
CA SER A 105 29.16 -19.75 -14.83
C SER A 105 28.62 -18.35 -14.72
N VAL A 106 29.50 -17.43 -14.33
CA VAL A 106 29.13 -16.05 -14.11
C VAL A 106 30.03 -15.08 -14.85
N THR A 107 29.43 -14.02 -15.39
CA THR A 107 30.16 -12.96 -16.04
C THR A 107 29.56 -11.65 -15.58
N VAL A 108 30.41 -10.64 -15.41
CA VAL A 108 29.92 -9.29 -15.14
C VAL A 108 30.49 -8.34 -16.19
N LEU A 109 29.60 -7.66 -16.91
CA LEU A 109 29.99 -6.78 -18.00
C LEU A 109 29.55 -5.35 -17.70
N ASP A 110 30.31 -4.40 -18.21
CA ASP A 110 29.96 -3.00 -18.12
C ASP A 110 30.03 -2.45 -19.55
N VAL A 111 29.15 -1.51 -19.88
CA VAL A 111 29.15 -0.87 -21.21
C VAL A 111 30.01 0.40 -21.18
N GLY A 112 30.76 0.66 -22.24
CA GLY A 112 31.63 1.83 -22.25
C GLY A 112 30.90 3.11 -22.59
N ASP A 113 31.30 4.23 -21.98
CA ASP A 113 30.61 5.50 -22.15
C ASP A 113 29.11 5.41 -22.41
N ALA A 114 28.44 4.58 -21.62
CA ALA A 114 27.07 4.10 -21.87
C ALA A 114 26.08 5.14 -22.42
N TYR A 115 25.80 6.19 -21.65
CA TYR A 115 24.90 7.24 -22.07
C TYR A 115 25.31 7.81 -23.41
N PHE A 116 26.61 7.95 -23.62
CA PHE A 116 27.09 8.69 -24.76
C PHE A 116 27.03 7.79 -25.98
N SER A 117 26.33 6.68 -25.81
CA SER A 117 26.18 5.72 -26.89
C SER A 117 24.74 5.62 -27.36
N VAL A 118 23.84 6.31 -26.66
CA VAL A 118 22.44 6.34 -27.04
C VAL A 118 22.04 7.68 -27.65
N PRO A 119 21.47 7.64 -28.86
CA PRO A 119 21.12 8.91 -29.51
C PRO A 119 20.08 9.67 -28.71
N LEU A 120 20.21 11.00 -28.66
CA LEU A 120 19.18 11.86 -28.10
C LEU A 120 18.22 12.35 -29.20
N ASP A 121 16.93 12.46 -28.88
CA ASP A 121 15.94 12.90 -29.86
C ASP A 121 16.44 14.16 -30.59
N GLU A 122 16.34 14.13 -31.91
CA GLU A 122 16.88 15.19 -32.76
C GLU A 122 16.27 16.57 -32.49
N ASP A 123 14.95 16.60 -32.33
CA ASP A 123 14.24 17.84 -32.10
C ASP A 123 14.61 18.49 -30.76
N PHE A 124 15.19 17.71 -29.85
CA PHE A 124 15.45 18.20 -28.51
C PHE A 124 16.92 18.65 -28.34
N ARG A 125 17.77 18.31 -29.29
CA ARG A 125 19.20 18.47 -29.07
C ARG A 125 19.62 19.91 -28.80
N LYS A 126 18.82 20.86 -29.29
CA LYS A 126 19.22 22.25 -29.25
C LYS A 126 19.12 22.85 -27.85
N TYR A 127 18.42 22.17 -26.96
CA TYR A 127 18.27 22.65 -25.59
C TYR A 127 19.44 22.23 -24.73
N THR A 128 20.26 21.31 -25.25
CA THR A 128 21.36 20.75 -24.47
C THR A 128 22.62 21.58 -24.74
N ALA A 129 22.42 22.73 -25.35
CA ALA A 129 23.52 23.62 -25.69
C ALA A 129 24.36 23.94 -24.46
N PHE A 130 25.65 23.63 -24.54
CA PHE A 130 26.58 24.09 -23.53
C PHE A 130 27.76 24.77 -24.22
N THR A 131 28.71 25.24 -23.43
CA THR A 131 29.86 25.95 -23.95
C THR A 131 31.10 25.67 -23.10
N ILE A 132 32.18 25.23 -23.73
CA ILE A 132 33.44 25.04 -23.02
C ILE A 132 34.25 26.33 -22.99
N PRO A 133 34.41 26.91 -21.80
CA PRO A 133 35.33 28.05 -21.66
C PRO A 133 36.74 27.56 -21.87
N SER A 134 37.40 28.12 -22.89
CA SER A 134 38.79 27.76 -23.16
C SER A 134 39.73 28.90 -22.78
N ILE A 135 40.98 28.53 -22.48
CA ILE A 135 42.05 29.46 -22.19
C ILE A 135 41.97 30.79 -22.98
N ASN A 136 42.14 31.88 -22.25
CA ASN A 136 41.31 33.07 -22.43
C ASN A 136 41.88 34.05 -23.44
N ASN A 137 42.95 33.63 -24.12
CA ASN A 137 43.61 34.45 -25.13
C ASN A 137 43.69 33.61 -26.40
N GLU A 138 42.98 32.48 -26.37
CA GLU A 138 43.03 31.50 -27.44
C GLU A 138 41.64 31.00 -27.85
N THR A 139 40.61 31.62 -27.25
CA THR A 139 39.23 31.45 -27.68
C THR A 139 38.23 31.63 -26.52
N PRO A 140 36.99 32.08 -26.84
CA PRO A 140 35.88 32.34 -25.90
C PRO A 140 35.30 31.17 -25.07
N GLY A 141 35.27 29.95 -25.61
CA GLY A 141 35.82 29.66 -26.92
C GLY A 141 34.96 28.77 -27.79
N ILE A 142 34.60 27.59 -27.30
CA ILE A 142 33.89 26.61 -28.12
C ILE A 142 32.50 26.28 -27.60
N ARG A 143 31.55 26.10 -28.50
CA ARG A 143 30.15 25.82 -28.14
C ARG A 143 29.65 24.52 -28.77
N TYR A 144 29.06 23.64 -27.96
CA TYR A 144 28.56 22.37 -28.46
C TYR A 144 27.11 22.08 -28.08
N GLN A 145 26.49 21.15 -28.80
CA GLN A 145 25.28 20.51 -28.33
C GLN A 145 25.39 18.98 -28.34
N TYR A 146 24.53 18.33 -27.56
CA TYR A 146 24.51 16.88 -27.47
C TYR A 146 23.68 16.22 -28.57
N ASN A 147 24.23 15.19 -29.19
CA ASN A 147 23.47 14.34 -30.10
C ASN A 147 23.17 13.00 -29.43
N VAL A 148 23.73 12.82 -28.23
CA VAL A 148 23.52 11.62 -27.42
C VAL A 148 23.06 12.10 -26.06
N LEU A 149 22.65 11.18 -25.19
CA LEU A 149 22.19 11.53 -23.84
C LEU A 149 23.28 12.15 -22.96
N PRO A 150 22.98 13.33 -22.37
CA PRO A 150 23.83 14.02 -21.39
C PRO A 150 23.70 13.45 -19.98
N GLN A 151 24.72 13.67 -19.16
CA GLN A 151 24.69 13.25 -17.75
C GLN A 151 24.39 14.44 -16.82
N GLY A 152 23.12 14.58 -16.46
CA GLY A 152 22.72 15.65 -15.55
C GLY A 152 21.31 16.00 -15.92
N TRP A 153 20.91 15.49 -17.09
CA TRP A 153 19.56 15.65 -17.58
C TRP A 153 18.67 14.67 -16.85
N LYS A 154 17.43 15.10 -16.62
CA LYS A 154 16.46 14.34 -15.84
C LYS A 154 15.96 13.09 -16.59
N GLY A 155 16.06 13.10 -17.91
CA GLY A 155 15.51 12.00 -18.68
C GLY A 155 16.50 10.90 -19.04
N SER A 156 17.78 11.13 -18.82
CA SER A 156 18.77 10.19 -19.31
C SER A 156 18.66 8.84 -18.66
N PRO A 157 18.62 8.78 -17.32
CA PRO A 157 18.52 7.43 -16.74
C PRO A 157 17.40 6.57 -17.32
N ALA A 158 16.19 7.11 -17.42
CA ALA A 158 15.06 6.29 -17.85
C ALA A 158 15.12 5.92 -19.33
N ILE A 159 15.55 6.86 -20.17
CA ILE A 159 15.74 6.56 -21.58
C ILE A 159 16.89 5.55 -21.80
N PHE A 160 17.95 5.64 -21.01
CA PHE A 160 18.96 4.61 -21.12
C PHE A 160 18.37 3.28 -20.70
N GLN A 161 17.73 3.24 -19.53
CA GLN A 161 17.27 1.96 -18.99
C GLN A 161 16.26 1.30 -19.92
N SER A 162 15.41 2.11 -20.52
CA SER A 162 14.44 1.61 -21.47
C SER A 162 15.15 1.18 -22.77
N SER A 163 16.08 1.98 -23.24
CA SER A 163 16.77 1.65 -24.48
C SER A 163 17.55 0.36 -24.35
N MET A 164 18.08 0.09 -23.17
CA MET A 164 18.82 -1.13 -22.90
C MET A 164 17.92 -2.33 -22.97
N THR A 165 16.74 -2.20 -22.36
CA THR A 165 15.77 -3.28 -22.31
C THR A 165 15.37 -3.62 -23.74
N LYS A 166 15.04 -2.61 -24.52
CA LYS A 166 14.76 -2.80 -25.94
C LYS A 166 15.90 -3.57 -26.60
N ILE A 167 17.13 -3.09 -26.43
CA ILE A 167 18.28 -3.75 -27.05
C ILE A 167 18.50 -5.20 -26.64
N LEU A 168 18.22 -5.52 -25.38
CA LEU A 168 18.45 -6.88 -24.89
C LEU A 168 17.30 -7.85 -25.20
N GLU A 169 16.17 -7.33 -25.69
CA GLU A 169 14.99 -8.18 -25.82
C GLU A 169 15.23 -9.33 -26.80
N PRO A 170 15.81 -9.04 -27.97
CA PRO A 170 16.08 -10.10 -28.94
C PRO A 170 16.98 -11.21 -28.39
N PHE A 171 18.03 -10.80 -27.68
CA PHE A 171 18.96 -11.76 -27.10
C PHE A 171 18.26 -12.57 -26.05
N ARG A 172 17.48 -11.90 -25.21
CA ARG A 172 16.82 -12.57 -24.09
C ARG A 172 15.82 -13.58 -24.64
N LYS A 173 15.15 -13.20 -25.74
CA LYS A 173 14.19 -14.10 -26.36
C LYS A 173 14.91 -15.30 -26.94
N GLN A 174 16.08 -15.05 -27.52
CA GLN A 174 16.86 -16.12 -28.12
C GLN A 174 17.55 -16.99 -27.08
N ASN A 175 17.77 -16.43 -25.90
CA ASN A 175 18.47 -17.11 -24.84
C ASN A 175 17.68 -17.03 -23.55
N PRO A 176 16.49 -17.66 -23.52
CA PRO A 176 15.57 -17.62 -22.40
C PRO A 176 16.18 -18.18 -21.12
N ASP A 177 17.29 -18.89 -21.26
CA ASP A 177 17.84 -19.54 -20.09
C ASP A 177 19.24 -19.10 -19.72
N ILE A 178 19.69 -17.98 -20.28
CA ILE A 178 20.81 -17.23 -19.72
C ILE A 178 20.21 -16.04 -18.97
N VAL A 179 20.60 -15.86 -17.72
CA VAL A 179 20.01 -14.79 -16.93
C VAL A 179 20.90 -13.56 -16.93
N ILE A 180 20.30 -12.41 -17.27
CA ILE A 180 21.02 -11.15 -17.36
C ILE A 180 20.39 -10.13 -16.44
N TYR A 181 21.03 -9.89 -15.30
CA TYR A 181 20.57 -8.86 -14.40
C TYR A 181 21.09 -7.53 -14.92
N GLN A 182 20.18 -6.58 -15.11
CA GLN A 182 20.44 -5.39 -15.93
C GLN A 182 20.29 -4.15 -15.07
N TYR A 183 21.40 -3.54 -14.66
CA TYR A 183 21.32 -2.36 -13.81
C TYR A 183 22.07 -1.18 -14.38
N MET A 184 21.30 -0.19 -14.84
CA MET A 184 21.83 0.82 -15.73
C MET A 184 22.61 0.08 -16.82
N ASP A 185 23.88 0.43 -16.99
CA ASP A 185 24.72 -0.26 -17.98
C ASP A 185 25.47 -1.48 -17.41
N ASP A 186 25.10 -1.89 -16.20
CA ASP A 186 25.74 -3.02 -15.54
C ASP A 186 25.09 -4.34 -15.95
N LEU A 187 25.90 -5.29 -16.41
CA LEU A 187 25.36 -6.61 -16.72
C LEU A 187 26.00 -7.75 -15.90
N TYR A 188 25.16 -8.44 -15.14
CA TYR A 188 25.52 -9.74 -14.57
C TYR A 188 24.89 -10.83 -15.43
N VAL A 189 25.70 -11.76 -15.91
CA VAL A 189 25.20 -12.79 -16.79
C VAL A 189 25.53 -14.16 -16.21
N GLY A 190 24.49 -14.95 -15.94
CA GLY A 190 24.67 -16.29 -15.38
C GLY A 190 24.04 -17.37 -16.25
N SER A 191 24.66 -18.54 -16.24
CA SER A 191 24.19 -19.63 -17.08
C SER A 191 24.43 -20.96 -16.37
N ASP A 192 23.70 -21.99 -16.79
CA ASP A 192 23.96 -23.33 -16.33
C ASP A 192 24.85 -24.08 -17.32
N LEU A 193 25.59 -23.31 -18.10
CA LEU A 193 26.51 -23.82 -19.09
C LEU A 193 27.89 -23.97 -18.47
N GLU A 194 28.71 -24.81 -19.06
CA GLU A 194 30.06 -25.06 -18.57
C GLU A 194 30.93 -23.92 -19.07
N ILE A 195 32.05 -23.69 -18.37
CA ILE A 195 32.87 -22.50 -18.56
C ILE A 195 33.03 -22.08 -20.02
N GLY A 196 33.32 -23.05 -20.88
CA GLY A 196 33.68 -22.74 -22.25
C GLY A 196 32.50 -22.50 -23.16
N GLN A 197 31.39 -23.16 -22.90
CA GLN A 197 30.18 -22.87 -23.64
C GLN A 197 29.58 -21.53 -23.17
N HIS A 198 29.74 -21.24 -21.88
CA HIS A 198 29.31 -19.95 -21.33
C HIS A 198 30.06 -18.83 -22.03
N ARG A 199 31.38 -19.00 -22.15
CA ARG A 199 32.24 -17.99 -22.76
C ARG A 199 31.75 -17.66 -24.16
N THR A 200 31.51 -18.70 -24.95
CA THR A 200 30.99 -18.53 -26.30
C THR A 200 29.68 -17.75 -26.29
N LYS A 201 28.85 -18.03 -25.30
CA LYS A 201 27.55 -17.40 -25.18
C LYS A 201 27.72 -15.93 -24.81
N ILE A 202 28.69 -15.64 -23.95
CA ILE A 202 29.00 -14.26 -23.56
C ILE A 202 29.49 -13.42 -24.75
N GLU A 203 30.31 -14.01 -25.61
CA GLU A 203 30.78 -13.31 -26.80
C GLU A 203 29.63 -13.01 -27.75
N GLU A 204 28.66 -13.90 -27.80
CA GLU A 204 27.50 -13.67 -28.63
C GLU A 204 26.76 -12.48 -28.04
N LEU A 205 26.65 -12.44 -26.72
CA LEU A 205 26.02 -11.31 -26.06
C LEU A 205 26.74 -10.02 -26.45
N ARG A 206 28.07 -10.07 -26.48
CA ARG A 206 28.85 -8.89 -26.81
C ARG A 206 28.74 -8.46 -28.28
N GLN A 207 28.83 -9.40 -29.20
CA GLN A 207 28.54 -9.08 -30.60
C GLN A 207 27.16 -8.42 -30.68
N HIS A 208 26.19 -8.98 -29.96
CA HIS A 208 24.81 -8.49 -30.03
C HIS A 208 24.77 -7.05 -29.54
N LEU A 209 25.39 -6.82 -28.39
CA LEU A 209 25.46 -5.48 -27.84
C LEU A 209 26.12 -4.54 -28.87
N LEU A 210 27.28 -4.96 -29.38
CA LEU A 210 28.07 -4.12 -30.27
C LEU A 210 27.37 -3.84 -31.60
N ARG A 211 26.53 -4.77 -32.06
CA ARG A 211 25.73 -4.53 -33.26
C ARG A 211 24.78 -3.36 -32.97
N TRP A 212 24.38 -3.22 -31.71
CA TRP A 212 23.52 -2.10 -31.31
C TRP A 212 24.27 -0.87 -30.78
N GLY A 213 25.58 -0.84 -30.98
CA GLY A 213 26.34 0.35 -30.62
C GLY A 213 26.92 0.35 -29.22
N LEU A 214 26.71 -0.72 -28.46
CA LEU A 214 27.23 -0.76 -27.11
C LEU A 214 28.50 -1.60 -26.99
N THR A 215 29.59 -0.95 -26.58
CA THR A 215 30.87 -1.63 -26.41
C THR A 215 30.99 -2.17 -25.01
N THR A 216 31.84 -3.19 -24.85
CA THR A 216 32.17 -3.72 -23.53
C THR A 216 33.65 -3.96 -23.42
N PRO A 217 34.39 -3.00 -22.85
CA PRO A 217 35.83 -3.06 -22.51
C PRO A 217 36.08 -4.03 -21.34
N ASP A 218 37.31 -4.09 -20.84
CA ASP A 218 37.58 -4.87 -19.62
C ASP A 218 38.14 -4.00 -18.50
N LYS A 219 37.59 -4.08 -17.29
CA LYS A 219 36.14 -4.11 -17.00
C LYS A 219 35.22 -5.30 -17.30
N LYS A 220 35.74 -6.32 -17.95
CA LYS A 220 35.00 -7.55 -18.04
C LYS A 220 35.49 -8.49 -16.94
N HIS A 221 34.70 -8.60 -15.89
CA HIS A 221 34.95 -9.52 -14.78
C HIS A 221 34.85 -10.96 -15.34
N GLN A 222 35.90 -11.79 -15.35
CA GLN A 222 35.92 -13.06 -16.11
C GLN A 222 35.86 -14.40 -15.38
N LYS A 223 36.98 -15.10 -15.32
CA LYS A 223 37.09 -16.30 -14.48
C LYS A 223 37.63 -15.69 -13.20
N GLU A 224 36.80 -14.84 -12.62
CA GLU A 224 37.28 -13.87 -11.67
C GLU A 224 36.33 -13.74 -10.49
N PRO A 225 35.94 -14.86 -9.90
CA PRO A 225 35.37 -14.62 -8.58
C PRO A 225 36.51 -14.11 -7.70
N PRO A 226 36.21 -13.24 -6.73
CA PRO A 226 34.86 -12.76 -6.46
C PRO A 226 34.48 -11.67 -7.46
N PHE A 227 33.23 -11.68 -7.91
CA PHE A 227 32.77 -10.62 -8.81
C PHE A 227 32.40 -9.36 -8.04
N LEU A 228 32.74 -8.20 -8.60
CA LEU A 228 32.33 -6.93 -8.01
C LEU A 228 31.08 -6.35 -8.67
N TRP A 229 30.00 -6.32 -7.91
CA TRP A 229 28.69 -6.04 -8.47
C TRP A 229 27.79 -5.35 -7.46
N MET A 230 27.33 -4.16 -7.82
CA MET A 230 26.29 -3.48 -7.05
C MET A 230 26.73 -3.13 -5.61
N GLY A 231 28.04 -3.02 -5.40
CA GLY A 231 28.52 -2.69 -4.08
C GLY A 231 28.76 -3.94 -3.25
N TYR A 232 28.65 -5.09 -3.90
CA TYR A 232 28.92 -6.37 -3.25
C TYR A 232 30.15 -7.02 -3.86
N GLU A 233 30.49 -8.20 -3.35
CA GLU A 233 31.43 -9.09 -4.00
C GLU A 233 30.83 -10.47 -3.90
N LEU A 234 30.61 -11.10 -5.04
CA LEU A 234 29.93 -12.39 -5.12
C LEU A 234 30.98 -13.49 -5.33
N HIS A 235 30.95 -14.50 -4.47
CA HIS A 235 31.77 -15.69 -4.64
C HIS A 235 30.86 -16.81 -5.12
N PRO A 236 31.43 -17.98 -5.43
CA PRO A 236 30.58 -18.98 -6.06
C PRO A 236 29.44 -19.37 -5.15
N ASP A 237 29.70 -19.32 -3.84
CA ASP A 237 28.80 -19.90 -2.87
C ASP A 237 28.35 -18.92 -1.80
N LYS A 238 28.90 -17.72 -1.83
CA LYS A 238 28.54 -16.73 -0.83
C LYS A 238 28.73 -15.31 -1.35
N TRP A 239 28.00 -14.38 -0.75
CA TRP A 239 28.17 -12.99 -1.13
C TRP A 239 28.42 -12.17 0.12
N THR A 240 29.14 -11.06 -0.04
CA THR A 240 29.32 -10.15 1.07
C THR A 240 29.37 -8.70 0.58
N VAL A 241 29.26 -7.77 1.51
CA VAL A 241 29.30 -6.36 1.15
C VAL A 241 30.73 -5.91 1.20
N GLN A 242 31.08 -5.03 0.27
CA GLN A 242 32.39 -4.41 0.28
C GLN A 242 32.50 -3.59 1.56
N PRO A 243 33.72 -3.41 2.08
CA PRO A 243 33.88 -2.93 3.45
C PRO A 243 33.09 -1.66 3.77
N ILE A 244 32.55 -1.60 4.98
CA ILE A 244 31.86 -0.41 5.45
C ILE A 244 32.68 0.22 6.56
N VAL A 245 32.87 1.54 6.46
CA VAL A 245 33.67 2.24 7.45
C VAL A 245 32.88 3.43 8.00
N LEU A 246 32.49 3.34 9.27
CA LEU A 246 31.71 4.39 9.91
C LEU A 246 32.67 5.45 10.41
N PRO A 247 32.30 6.73 10.28
CA PRO A 247 33.15 7.82 10.74
C PRO A 247 33.57 7.66 12.20
N GLU A 248 34.50 8.51 12.64
CA GLU A 248 35.01 8.46 14.00
C GLU A 248 35.14 9.85 14.59
N LYS A 249 34.54 10.81 13.92
CA LYS A 249 34.51 12.19 14.41
C LYS A 249 34.15 12.18 15.89
N ASP A 250 34.70 13.11 16.65
CA ASP A 250 34.42 13.18 18.07
C ASP A 250 33.40 14.27 18.37
N SER A 251 33.41 15.31 17.56
CA SER A 251 32.27 16.23 17.54
C SER A 251 31.36 15.83 16.37
N TRP A 252 30.17 15.33 16.69
CA TRP A 252 29.23 14.92 15.67
C TRP A 252 28.21 16.02 15.37
N THR A 253 27.92 16.20 14.09
CA THR A 253 26.90 17.15 13.63
C THR A 253 25.79 16.41 12.90
N VAL A 254 24.65 17.08 12.70
CA VAL A 254 23.54 16.53 11.95
C VAL A 254 24.04 15.74 10.75
N ASN A 255 24.69 16.43 9.83
CA ASN A 255 25.21 15.84 8.60
C ASN A 255 26.12 14.64 8.87
N ASP A 256 26.91 14.71 9.94
CA ASP A 256 27.77 13.61 10.35
C ASP A 256 26.90 12.43 10.76
N ILE A 257 25.88 12.73 11.56
CA ILE A 257 24.94 11.73 12.02
C ILE A 257 24.16 11.10 10.87
N CYS A 258 23.51 11.94 10.06
CA CYS A 258 22.69 11.47 8.96
C CYS A 258 23.45 10.49 8.07
N LYS A 259 24.77 10.61 8.02
CA LYS A 259 25.55 9.65 7.25
C LYS A 259 26.08 8.52 8.11
N LEU A 260 25.82 8.59 9.41
CA LEU A 260 26.16 7.49 10.29
C LEU A 260 25.01 6.50 10.25
N VAL A 261 23.80 7.03 10.24
CA VAL A 261 22.60 6.22 10.05
C VAL A 261 22.68 5.54 8.70
N GLY A 262 22.91 6.34 7.66
CA GLY A 262 22.94 5.82 6.31
C GLY A 262 23.71 4.51 6.21
N LYS A 263 24.99 4.55 6.57
CA LYS A 263 25.86 3.39 6.40
C LYS A 263 25.45 2.26 7.32
N LEU A 264 24.89 2.61 8.47
CA LEU A 264 24.42 1.61 9.43
C LEU A 264 23.24 0.86 8.80
N ASN A 265 22.26 1.63 8.32
CA ASN A 265 21.09 1.08 7.65
C ASN A 265 21.56 0.18 6.52
N TRP A 266 22.23 0.77 5.54
CA TRP A 266 22.94 0.02 4.52
C TRP A 266 23.59 -1.22 5.09
N ALA A 267 24.21 -1.10 6.25
CA ALA A 267 24.93 -2.19 6.85
C ALA A 267 23.96 -3.31 7.26
N SER A 268 22.76 -2.93 7.66
CA SER A 268 21.88 -3.86 8.34
C SER A 268 21.31 -4.93 7.41
N GLN A 269 21.55 -4.79 6.12
CA GLN A 269 21.05 -5.76 5.18
C GLN A 269 21.73 -7.10 5.39
N ILE A 270 22.85 -7.11 6.12
CA ILE A 270 23.49 -8.39 6.40
C ILE A 270 24.27 -8.47 7.72
N TYR A 271 24.37 -7.36 8.44
CA TYR A 271 24.90 -7.40 9.79
C TYR A 271 23.75 -7.39 10.77
N PRO A 272 23.42 -8.56 11.34
CA PRO A 272 22.30 -8.67 12.29
C PRO A 272 22.56 -7.85 13.55
N GLY A 273 21.52 -7.22 14.07
CA GLY A 273 21.61 -6.60 15.37
C GLY A 273 21.66 -5.09 15.33
N ILE A 274 21.96 -4.53 14.16
CA ILE A 274 22.10 -3.08 14.06
C ILE A 274 20.85 -2.37 14.52
N LYS A 275 21.05 -1.31 15.30
CA LYS A 275 19.96 -0.48 15.79
C LYS A 275 20.37 0.98 15.59
N VAL A 276 19.41 1.86 15.36
CA VAL A 276 19.74 3.26 15.13
C VAL A 276 18.71 4.21 15.74
N ARG A 277 17.93 3.69 16.68
CA ARG A 277 16.88 4.48 17.31
C ARG A 277 17.47 5.74 17.94
N GLN A 278 18.34 5.52 18.93
CA GLN A 278 18.87 6.62 19.74
C GLN A 278 19.52 7.67 18.85
N LEU A 279 20.36 7.20 17.94
CA LEU A 279 21.02 8.06 16.97
C LEU A 279 20.00 8.88 16.19
N SER A 280 19.03 8.21 15.58
CA SER A 280 18.04 8.92 14.78
C SER A 280 17.27 9.94 15.60
N LYS A 281 17.13 9.68 16.89
CA LYS A 281 16.40 10.57 17.78
C LYS A 281 17.14 11.89 17.98
N LEU A 282 18.47 11.81 18.03
CA LEU A 282 19.32 13.00 18.11
C LEU A 282 18.92 14.06 17.09
N LEU A 283 18.29 13.60 16.01
CA LEU A 283 18.19 14.40 14.79
C LEU A 283 16.83 15.04 14.64
N ARG A 284 16.25 15.50 15.75
CA ARG A 284 14.85 15.91 15.75
C ARG A 284 14.57 17.30 15.19
N GLY A 285 14.56 18.32 16.05
CA GLY A 285 14.21 19.65 15.59
C GLY A 285 15.40 20.41 15.02
N THR A 286 16.54 19.73 14.90
CA THR A 286 17.78 20.38 14.51
C THR A 286 17.64 21.01 13.13
N LYS A 287 17.29 22.30 13.11
CA LYS A 287 16.92 22.98 11.89
C LYS A 287 18.06 23.11 10.87
N ALA A 288 19.28 22.74 11.28
CA ALA A 288 20.43 22.93 10.42
C ALA A 288 21.27 21.66 10.27
N LEU A 289 21.78 21.43 9.07
CA LEU A 289 22.57 20.25 8.77
C LEU A 289 23.93 20.31 9.48
N THR A 290 24.31 21.51 9.88
CA THR A 290 25.60 21.75 10.49
C THR A 290 25.59 21.51 11.99
N GLU A 291 24.47 21.83 12.63
CA GLU A 291 24.36 21.78 14.09
C GLU A 291 25.01 20.55 14.69
N VAL A 292 25.95 20.78 15.60
CA VAL A 292 26.58 19.68 16.31
C VAL A 292 25.66 19.30 17.46
N ILE A 293 26.08 18.31 18.24
CA ILE A 293 25.36 17.94 19.45
C ILE A 293 25.98 16.68 20.04
N PRO A 294 26.03 16.59 21.38
CA PRO A 294 26.58 15.43 22.08
C PRO A 294 25.72 14.17 21.95
N LEU A 295 26.37 13.06 21.63
CA LEU A 295 25.71 11.77 21.63
C LEU A 295 25.29 11.41 23.04
N THR A 296 23.98 11.41 23.29
CA THR A 296 23.43 11.10 24.60
C THR A 296 24.08 9.83 25.16
N GLU A 297 24.24 9.77 26.47
CA GLU A 297 24.78 8.57 27.11
C GLU A 297 24.12 7.37 26.47
N GLU A 298 22.88 7.57 26.01
CA GLU A 298 22.10 6.52 25.37
C GLU A 298 22.58 6.28 23.94
N ALA A 299 22.73 7.37 23.19
CA ALA A 299 23.16 7.29 21.80
C ALA A 299 24.63 6.87 21.70
N GLU A 300 25.51 7.66 22.29
CA GLU A 300 26.94 7.36 22.27
C GLU A 300 27.11 5.90 22.67
N LEU A 301 26.18 5.43 23.49
CA LEU A 301 26.17 4.04 23.92
C LEU A 301 25.85 3.17 22.70
N GLU A 302 24.72 3.47 22.06
CA GLU A 302 24.23 2.65 20.95
C GLU A 302 25.24 2.58 19.81
N LEU A 303 25.81 3.73 19.47
CA LEU A 303 26.78 3.82 18.37
C LEU A 303 27.89 2.80 18.57
N ALA A 304 28.27 2.59 19.83
CA ALA A 304 29.37 1.70 20.15
C ALA A 304 28.94 0.23 20.01
N GLU A 305 27.63 0.00 20.02
CA GLU A 305 27.12 -1.36 19.96
C GLU A 305 27.23 -1.90 18.53
N ASN A 306 26.68 -1.16 17.59
CA ASN A 306 26.80 -1.49 16.18
C ASN A 306 28.28 -1.53 15.87
N ARG A 307 28.97 -0.47 16.28
CA ARG A 307 30.38 -0.32 15.96
C ARG A 307 31.15 -1.59 16.29
N GLU A 308 30.60 -2.39 17.19
CA GLU A 308 31.24 -3.63 17.57
C GLU A 308 30.85 -4.79 16.67
N ILE A 309 29.60 -4.78 16.19
CA ILE A 309 29.11 -5.92 15.41
C ILE A 309 29.71 -5.95 14.02
N LEU A 310 30.09 -4.78 13.51
CA LEU A 310 30.68 -4.68 12.18
C LEU A 310 32.08 -5.30 12.12
N LYS A 311 32.70 -5.46 13.28
CA LYS A 311 34.03 -6.04 13.35
C LYS A 311 34.05 -7.52 12.97
N GLU A 312 33.01 -8.25 13.35
CA GLU A 312 32.93 -9.67 13.00
C GLU A 312 32.66 -9.87 11.50
N PRO A 313 33.20 -10.95 10.92
CA PRO A 313 33.03 -11.28 9.50
C PRO A 313 31.68 -11.94 9.20
N VAL A 314 31.08 -11.57 8.07
CA VAL A 314 29.77 -12.08 7.72
C VAL A 314 29.47 -12.10 6.21
N HIS A 315 28.85 -13.18 5.76
CA HIS A 315 28.41 -13.28 4.39
C HIS A 315 26.93 -13.65 4.32
N GLY A 316 26.33 -13.45 3.15
CA GLY A 316 25.05 -14.06 2.86
C GLY A 316 25.23 -15.22 1.89
N VAL A 317 24.18 -15.97 1.65
CA VAL A 317 24.22 -17.01 0.64
C VAL A 317 23.23 -16.68 -0.46
N TYR A 318 23.16 -17.55 -1.46
CA TYR A 318 22.26 -17.35 -2.58
C TYR A 318 20.98 -18.17 -2.44
N TYR A 319 20.09 -18.06 -3.41
CA TYR A 319 18.74 -18.54 -3.21
C TYR A 319 18.48 -19.82 -3.97
N ASP A 320 18.04 -20.84 -3.23
CA ASP A 320 17.61 -22.12 -3.79
C ASP A 320 16.08 -22.11 -3.83
N PRO A 321 15.51 -22.04 -5.03
CA PRO A 321 14.06 -21.97 -5.21
C PRO A 321 13.32 -23.19 -4.70
N SER A 322 14.05 -24.26 -4.38
CA SER A 322 13.42 -25.51 -3.99
C SER A 322 13.36 -25.72 -2.49
N LYS A 323 14.10 -24.90 -1.74
CA LYS A 323 13.95 -24.85 -0.29
C LYS A 323 12.95 -23.75 0.05
N ASP A 324 12.50 -23.71 1.29
CA ASP A 324 11.59 -22.65 1.72
C ASP A 324 12.32 -21.40 2.17
N LEU A 325 11.58 -20.30 2.19
CA LEU A 325 12.08 -19.06 2.77
C LEU A 325 11.62 -18.96 4.21
N ILE A 326 12.54 -18.60 5.09
CA ILE A 326 12.19 -18.47 6.49
C ILE A 326 12.68 -17.15 7.05
N ALA A 327 11.74 -16.35 7.56
CA ALA A 327 12.07 -15.12 8.25
C ALA A 327 11.99 -15.36 9.75
N GLU A 328 13.06 -15.05 10.46
CA GLU A 328 13.07 -15.10 11.90
C GLU A 328 13.19 -13.68 12.38
N ILE A 329 12.33 -13.27 13.31
CA ILE A 329 12.34 -11.91 13.83
C ILE A 329 12.69 -11.92 15.32
N GLN A 330 13.50 -10.97 15.75
CA GLN A 330 13.74 -10.83 17.19
C GLN A 330 13.56 -9.40 17.66
N LYS A 331 13.17 -9.27 18.93
CA LYS A 331 12.77 -7.99 19.47
C LYS A 331 13.92 -7.28 20.16
N GLN A 332 13.99 -5.96 20.01
CA GLN A 332 14.96 -5.14 20.75
C GLN A 332 14.19 -4.13 21.63
N GLY A 333 14.67 -2.90 21.72
CA GLY A 333 13.97 -1.93 22.53
C GLY A 333 13.54 -0.72 21.74
N GLN A 334 12.62 0.07 22.29
CA GLN A 334 12.15 1.30 21.64
C GLN A 334 11.52 0.97 20.31
N GLY A 335 10.76 -0.12 20.26
CA GLY A 335 10.13 -0.47 19.02
C GLY A 335 11.17 -0.63 17.92
N GLN A 336 12.21 -1.41 18.25
CA GLN A 336 13.25 -1.77 17.29
C GLN A 336 13.20 -3.28 17.10
N TRP A 337 13.33 -3.71 15.85
CA TRP A 337 13.24 -5.13 15.50
C TRP A 337 14.28 -5.54 14.45
N THR A 338 14.85 -6.72 14.61
CA THR A 338 15.76 -7.31 13.64
C THR A 338 15.19 -8.61 13.08
N TYR A 339 15.54 -8.93 11.84
CA TYR A 339 15.14 -10.21 11.28
C TYR A 339 16.25 -10.85 10.46
N GLN A 340 16.14 -12.16 10.25
CA GLN A 340 17.07 -12.88 9.39
C GLN A 340 16.27 -13.80 8.50
N ILE A 341 16.69 -13.94 7.26
CA ILE A 341 15.95 -14.76 6.32
C ILE A 341 16.90 -15.81 5.79
N TYR A 342 16.45 -17.06 5.84
CA TYR A 342 17.31 -18.16 5.42
C TYR A 342 16.47 -19.29 4.88
N GLN A 343 17.16 -20.33 4.43
CA GLN A 343 16.52 -21.54 3.97
C GLN A 343 17.14 -22.71 4.72
N GLU A 344 18.40 -22.54 5.09
CA GLU A 344 19.11 -23.48 5.95
C GLU A 344 19.61 -22.80 7.22
N PRO A 345 19.64 -23.54 8.32
CA PRO A 345 19.54 -22.99 9.69
C PRO A 345 20.38 -21.75 9.99
N PHE A 346 21.69 -21.80 9.73
CA PHE A 346 22.51 -20.66 10.12
C PHE A 346 23.15 -19.96 8.93
N LYS A 347 22.50 -20.09 7.78
CA LYS A 347 23.02 -19.51 6.55
C LYS A 347 22.14 -18.38 6.03
N ASN A 348 22.40 -17.17 6.53
CA ASN A 348 21.58 -16.02 6.14
C ASN A 348 21.51 -15.81 4.65
N LEU A 349 20.29 -15.62 4.15
CA LEU A 349 20.09 -15.14 2.80
C LEU A 349 20.30 -13.63 2.86
N LYS A 350 19.57 -12.98 3.74
CA LYS A 350 19.95 -11.64 4.18
C LYS A 350 19.37 -11.36 5.57
N THR A 351 19.40 -10.09 5.99
CA THR A 351 18.86 -9.71 7.29
C THR A 351 18.34 -8.28 7.18
N GLY A 352 17.62 -7.82 8.20
CA GLY A 352 17.25 -6.43 8.22
C GLY A 352 16.75 -5.98 9.58
N LYS A 353 16.33 -4.72 9.64
CA LYS A 353 15.73 -4.15 10.84
C LYS A 353 14.46 -3.38 10.48
N TYR A 354 13.43 -3.56 11.30
CA TYR A 354 12.27 -2.69 11.24
C TYR A 354 12.30 -1.83 12.50
N ALA A 355 11.78 -0.60 12.42
CA ALA A 355 11.84 0.24 13.59
C ALA A 355 11.02 1.51 13.48
N ARG A 356 9.99 1.49 12.63
CA ARG A 356 9.11 2.64 12.51
C ARG A 356 8.18 2.74 13.70
N MET A 357 7.76 3.97 13.99
CA MET A 357 6.66 4.17 14.93
C MET A 357 5.44 4.56 14.12
N ARG A 358 4.52 3.63 13.98
CA ARG A 358 3.24 3.94 13.34
C ARG A 358 2.27 4.27 14.47
N GLY A 359 1.83 5.52 14.53
CA GLY A 359 0.86 5.90 15.54
C GLY A 359 1.44 6.53 16.80
N ALA A 360 0.61 7.36 17.44
CA ALA A 360 0.93 7.97 18.73
C ALA A 360 0.93 6.96 19.89
N HIS A 361 0.14 5.89 19.75
CA HIS A 361 0.04 4.86 20.78
C HIS A 361 0.08 3.49 20.13
N THR A 362 0.71 2.54 20.80
CA THR A 362 0.81 1.19 20.25
C THR A 362 1.43 0.19 21.23
N ASN A 363 1.60 -1.05 20.77
CA ASN A 363 2.11 -2.15 21.56
C ASN A 363 2.92 -3.12 20.69
N ASP A 364 3.59 -4.08 21.33
CA ASP A 364 4.44 -5.03 20.63
C ASP A 364 3.72 -5.80 19.54
N VAL A 365 2.53 -6.33 19.83
CA VAL A 365 1.86 -7.16 18.83
C VAL A 365 1.65 -6.41 17.50
N LYS A 366 1.23 -5.15 17.57
CA LYS A 366 1.09 -4.32 16.38
C LYS A 366 2.44 -4.15 15.68
N GLN A 367 3.44 -3.77 16.46
CA GLN A 367 4.75 -3.53 15.87
C GLN A 367 5.27 -4.79 15.21
N LEU A 368 4.91 -5.95 15.76
CA LEU A 368 5.36 -7.22 15.21
C LEU A 368 4.63 -7.48 13.90
N THR A 369 3.34 -7.17 13.88
CA THR A 369 2.52 -7.33 12.68
C THR A 369 3.07 -6.46 11.55
N GLU A 370 3.61 -5.30 11.92
CA GLU A 370 4.13 -4.38 10.94
C GLU A 370 5.48 -4.81 10.37
N ALA A 371 6.32 -5.40 11.23
CA ALA A 371 7.59 -5.94 10.73
C ALA A 371 7.28 -7.12 9.82
N VAL A 372 6.31 -7.95 10.21
CA VAL A 372 5.86 -9.03 9.33
C VAL A 372 5.46 -8.51 7.96
N GLN A 373 4.63 -7.46 7.95
CA GLN A 373 4.26 -6.82 6.70
C GLN A 373 5.47 -6.42 5.89
N LYS A 374 6.35 -5.62 6.49
CA LYS A 374 7.53 -5.13 5.78
C LYS A 374 8.28 -6.30 5.13
N ILE A 375 8.59 -7.32 5.93
CA ILE A 375 9.43 -8.41 5.46
C ILE A 375 8.74 -9.18 4.32
N THR A 376 7.43 -9.32 4.44
CA THR A 376 6.64 -10.01 3.43
C THR A 376 6.76 -9.29 2.09
N THR A 377 6.62 -7.98 2.10
CA THR A 377 6.61 -7.25 0.85
C THR A 377 8.00 -7.27 0.26
N GLU A 378 8.99 -7.27 1.14
CA GLU A 378 10.37 -7.26 0.73
C GLU A 378 10.73 -8.60 0.07
N SER A 379 10.24 -9.69 0.65
CA SER A 379 10.49 -11.01 0.10
C SER A 379 9.84 -11.15 -1.29
N ILE A 380 8.64 -10.58 -1.44
CA ILE A 380 7.94 -10.68 -2.70
C ILE A 380 8.72 -9.95 -3.79
N VAL A 381 9.39 -8.87 -3.42
CA VAL A 381 10.22 -8.15 -4.38
C VAL A 381 11.44 -8.98 -4.71
N ILE A 382 12.08 -9.50 -3.68
CA ILE A 382 13.35 -10.19 -3.92
C ILE A 382 13.19 -11.62 -4.44
N TRP A 383 12.36 -12.43 -3.79
CA TRP A 383 12.18 -13.81 -4.26
C TRP A 383 10.82 -14.08 -4.89
N GLY A 384 9.89 -13.13 -4.75
CA GLY A 384 8.61 -13.24 -5.41
C GLY A 384 7.72 -14.27 -4.76
N LYS A 385 8.02 -14.61 -3.51
CA LYS A 385 7.08 -15.36 -2.69
C LYS A 385 7.17 -14.93 -1.24
N THR A 386 6.29 -15.48 -0.43
CA THR A 386 6.22 -15.13 0.97
C THR A 386 7.01 -16.14 1.81
N PRO A 387 7.76 -15.66 2.81
CA PRO A 387 8.50 -16.53 3.70
C PRO A 387 7.61 -17.13 4.77
N LYS A 388 8.07 -18.23 5.35
CA LYS A 388 7.49 -18.74 6.58
C LYS A 388 8.15 -18.01 7.74
N PHE A 389 7.39 -17.80 8.80
CA PHE A 389 7.89 -16.98 9.89
C PHE A 389 8.20 -17.76 11.17
N LYS A 390 9.26 -17.33 11.84
CA LYS A 390 9.57 -17.76 13.19
C LYS A 390 9.48 -16.49 14.02
N LEU A 391 8.47 -16.40 14.86
CA LEU A 391 8.22 -15.20 15.66
C LEU A 391 8.27 -15.49 17.16
N PRO A 392 8.84 -14.55 17.93
CA PRO A 392 8.94 -14.60 19.39
C PRO A 392 7.63 -14.26 20.08
N ILE A 393 6.59 -15.04 19.81
CA ILE A 393 5.27 -14.72 20.33
C ILE A 393 4.42 -15.98 20.33
N GLN A 394 3.74 -16.23 21.44
CA GLN A 394 2.99 -17.48 21.62
C GLN A 394 1.70 -17.49 20.80
N LYS A 395 1.38 -18.63 20.22
CA LYS A 395 0.15 -18.74 19.43
C LYS A 395 -1.02 -18.22 20.25
N GLU A 396 -0.96 -18.41 21.56
CA GLU A 396 -2.04 -18.00 22.44
C GLU A 396 -2.13 -16.47 22.49
N THR A 397 -0.98 -15.83 22.66
CA THR A 397 -0.94 -14.37 22.74
C THR A 397 -1.55 -13.80 21.46
N TRP A 398 -1.23 -14.43 20.34
CA TRP A 398 -1.76 -13.97 19.09
C TRP A 398 -3.27 -14.08 19.11
N GLU A 399 -3.78 -15.28 19.39
CA GLU A 399 -5.22 -15.50 19.34
C GLU A 399 -5.99 -14.56 20.25
N THR A 400 -5.44 -14.28 21.42
CA THR A 400 -6.05 -13.32 22.33
C THR A 400 -6.19 -11.96 21.65
N TRP A 401 -5.08 -11.46 21.10
CA TRP A 401 -5.05 -10.15 20.45
C TRP A 401 -6.03 -10.06 19.31
N TRP A 402 -6.08 -11.10 18.49
CA TRP A 402 -6.88 -11.07 17.28
C TRP A 402 -8.36 -11.24 17.62
N THR A 403 -8.63 -11.75 18.82
CA THR A 403 -9.98 -11.89 19.30
C THR A 403 -10.47 -10.59 19.94
N GLU A 404 -9.54 -9.85 20.54
CA GLU A 404 -9.84 -8.56 21.18
C GLU A 404 -9.87 -7.41 20.19
N TYR A 405 -9.02 -7.47 19.17
CA TYR A 405 -8.77 -6.33 18.31
C TYR A 405 -9.90 -6.21 17.31
N TRP A 406 -10.42 -5.01 17.15
CA TRP A 406 -11.59 -4.79 16.31
C TRP A 406 -11.25 -4.64 14.85
N GLN A 407 -9.95 -4.57 14.54
CA GLN A 407 -9.50 -4.50 13.16
C GLN A 407 -9.20 -5.89 12.60
N ALA A 408 -9.20 -6.00 11.29
CA ALA A 408 -8.76 -7.22 10.63
C ALA A 408 -7.24 -7.21 10.65
N THR A 409 -6.65 -8.16 11.39
CA THR A 409 -5.21 -8.27 11.41
C THR A 409 -4.84 -9.72 11.16
N TRP A 410 -3.72 -9.96 10.51
CA TRP A 410 -3.33 -11.33 10.21
C TRP A 410 -1.85 -11.51 9.94
N ILE A 411 -1.37 -12.69 10.29
CA ILE A 411 0.03 -13.04 10.07
C ILE A 411 0.13 -14.31 9.25
N PRO A 412 1.05 -14.34 8.28
CA PRO A 412 1.19 -15.50 7.40
C PRO A 412 1.56 -16.74 8.20
N GLU A 413 1.67 -17.87 7.51
CA GLU A 413 2.02 -19.16 8.13
C GLU A 413 3.27 -18.97 8.99
N TRP A 414 3.16 -19.28 10.28
CA TRP A 414 4.24 -18.98 11.22
C TRP A 414 4.27 -19.93 12.40
N GLU A 415 5.31 -19.79 13.20
CA GLU A 415 5.64 -20.75 14.24
C GLU A 415 6.47 -20.10 15.33
N PHE A 416 6.22 -20.48 16.58
CA PHE A 416 6.78 -19.80 17.74
C PHE A 416 8.24 -20.14 17.99
N VAL A 417 8.98 -19.19 18.56
CA VAL A 417 10.40 -19.36 18.85
C VAL A 417 10.70 -18.86 20.26
N ASN A 418 11.12 -19.77 21.15
CA ASN A 418 11.32 -19.42 22.56
C ASN A 418 12.31 -18.28 22.84
N THR A 419 12.93 -17.75 21.80
CA THR A 419 13.92 -16.69 21.94
C THR A 419 13.40 -15.40 22.57
N PRO A 420 13.81 -15.13 23.82
CA PRO A 420 13.42 -13.87 24.49
C PRO A 420 14.05 -12.67 23.81
N PRO A 421 13.57 -11.47 24.11
CA PRO A 421 12.31 -11.24 24.82
C PRO A 421 11.07 -11.66 24.02
N LEU A 422 10.14 -12.35 24.67
CA LEU A 422 8.91 -12.73 24.00
C LEU A 422 8.00 -11.52 23.88
N VAL A 423 7.13 -11.54 22.87
CA VAL A 423 6.19 -10.44 22.65
C VAL A 423 4.95 -10.73 23.47
N LYS A 424 4.59 -9.82 24.35
CA LYS A 424 3.39 -10.04 25.15
C LYS A 424 2.48 -8.82 25.21
N LEU A 425 1.24 -9.06 25.64
CA LEU A 425 0.33 -7.99 26.03
C LEU A 425 0.49 -7.76 27.53
N TRP A 426 0.62 -6.51 27.92
CA TRP A 426 1.06 -6.21 29.27
C TRP A 426 -0.13 -6.10 30.20
N TYR A 427 -1.31 -6.16 29.62
CA TYR A 427 -2.55 -6.18 30.38
C TYR A 427 -3.73 -6.46 29.49
N GLN A 428 -4.86 -6.72 30.12
CA GLN A 428 -6.03 -7.17 29.41
C GLN A 428 -7.25 -6.54 30.07
N LEU A 429 -8.02 -5.79 29.29
CA LEU A 429 -9.24 -5.21 29.83
C LEU A 429 -10.31 -6.28 29.96
N GLU A 430 -11.09 -6.20 31.03
CA GLU A 430 -12.14 -7.17 31.25
C GLU A 430 -13.29 -7.01 30.27
N LYS A 431 -13.95 -8.12 29.94
CA LYS A 431 -15.14 -8.09 29.13
C LYS A 431 -16.40 -7.72 29.93
N GLU A 432 -16.43 -8.06 31.21
CA GLU A 432 -17.63 -7.83 32.02
C GLU A 432 -17.26 -7.01 33.23
N PRO A 433 -18.22 -6.25 33.78
CA PRO A 433 -17.93 -5.41 34.94
C PRO A 433 -17.54 -6.27 36.14
N ILE A 434 -16.60 -5.79 36.94
CA ILE A 434 -15.98 -6.58 37.99
C ILE A 434 -16.74 -6.48 39.29
N VAL A 435 -17.24 -7.60 39.79
CA VAL A 435 -17.93 -7.59 41.07
C VAL A 435 -16.94 -7.34 42.22
N GLY A 436 -17.32 -6.44 43.12
CA GLY A 436 -16.52 -6.20 44.30
C GLY A 436 -15.38 -5.27 44.02
N ALA A 437 -15.49 -4.54 42.91
CA ALA A 437 -14.51 -3.52 42.55
C ALA A 437 -15.24 -2.20 42.58
N GLU A 438 -14.67 -1.21 43.27
CA GLU A 438 -15.25 0.12 43.36
C GLU A 438 -15.53 0.68 41.96
N THR A 439 -16.67 1.35 41.79
CA THR A 439 -17.02 1.90 40.49
C THR A 439 -16.75 3.39 40.38
N PHE A 440 -15.88 3.76 39.45
CA PHE A 440 -15.48 5.14 39.23
C PHE A 440 -16.17 5.76 38.02
N TYR A 441 -16.92 6.84 38.24
CA TYR A 441 -17.44 7.64 37.14
C TYR A 441 -16.55 8.85 36.96
N VAL A 442 -15.76 8.86 35.90
CA VAL A 442 -14.78 9.92 35.72
C VAL A 442 -15.26 10.93 34.69
N ASP A 443 -14.69 12.13 34.73
CA ASP A 443 -14.87 13.08 33.64
C ASP A 443 -13.92 14.25 33.77
N GLY A 444 -13.67 14.92 32.65
CA GLY A 444 -12.93 16.15 32.70
C GLY A 444 -13.54 17.11 31.72
N ALA A 445 -13.49 18.40 32.06
CA ALA A 445 -13.83 19.46 31.12
C ALA A 445 -12.64 20.41 31.00
N ALA A 446 -12.58 21.12 29.88
CA ALA A 446 -11.55 22.12 29.67
C ALA A 446 -12.18 23.36 29.05
N ASN A 447 -11.69 24.52 29.45
CA ASN A 447 -12.19 25.78 28.93
C ASN A 447 -11.36 26.17 27.71
N ARG A 448 -11.90 25.95 26.51
CA ARG A 448 -11.13 26.16 25.29
C ARG A 448 -10.55 27.57 25.23
N GLU A 449 -11.22 28.52 25.89
CA GLU A 449 -10.72 29.88 25.95
C GLU A 449 -9.47 29.96 26.82
N THR A 450 -9.67 29.81 28.13
CA THR A 450 -8.63 29.96 29.15
C THR A 450 -7.56 28.89 29.09
N LYS A 451 -7.94 27.73 28.58
CA LYS A 451 -7.09 26.53 28.61
C LYS A 451 -7.08 25.88 29.99
N LEU A 452 -7.96 26.33 30.87
CA LEU A 452 -8.04 25.79 32.23
C LEU A 452 -9.01 24.62 32.32
N GLY A 453 -8.78 23.73 33.27
CA GLY A 453 -9.53 22.49 33.27
C GLY A 453 -9.81 21.89 34.62
N LYS A 454 -10.56 20.80 34.60
CA LYS A 454 -10.79 20.00 35.78
C LYS A 454 -10.94 18.55 35.35
N ALA A 455 -10.17 17.67 35.96
CA ALA A 455 -10.41 16.24 35.81
C ALA A 455 -10.82 15.77 37.18
N GLY A 456 -11.58 14.69 37.25
CA GLY A 456 -12.00 14.18 38.54
C GLY A 456 -12.89 12.98 38.43
N TYR A 457 -13.17 12.37 39.58
CA TYR A 457 -14.06 11.23 39.65
C TYR A 457 -15.07 11.33 40.78
N VAL A 458 -16.06 10.46 40.71
CA VAL A 458 -17.02 10.22 41.80
C VAL A 458 -17.21 8.71 41.82
N THR A 459 -17.24 8.09 43.00
CA THR A 459 -17.33 6.63 43.06
C THR A 459 -18.59 6.19 43.78
N ASN A 460 -19.09 5.00 43.46
CA ASN A 460 -20.32 4.52 44.08
C ASN A 460 -20.15 4.37 45.57
N ARG A 461 -18.92 4.31 46.05
CA ARG A 461 -18.66 4.19 47.48
C ARG A 461 -18.53 5.55 48.17
N GLY A 462 -18.82 6.61 47.43
CA GLY A 462 -18.95 7.91 48.06
C GLY A 462 -17.75 8.83 47.95
N ARG A 463 -16.64 8.32 47.42
CA ARG A 463 -15.45 9.15 47.28
C ARG A 463 -15.65 10.09 46.10
N GLN A 464 -15.02 11.25 46.16
CA GLN A 464 -14.96 12.09 44.98
C GLN A 464 -13.79 13.04 45.06
N LYS A 465 -13.12 13.21 43.92
CA LYS A 465 -11.92 14.03 43.82
C LYS A 465 -12.03 14.90 42.59
N VAL A 466 -11.54 16.12 42.67
CA VAL A 466 -11.50 16.99 41.50
C VAL A 466 -10.14 17.67 41.40
N VAL A 467 -9.51 17.56 40.24
CA VAL A 467 -8.19 18.14 40.03
C VAL A 467 -8.20 19.22 38.96
N THR A 468 -7.84 20.44 39.34
CA THR A 468 -7.70 21.50 38.34
C THR A 468 -6.38 21.33 37.59
N LEU A 469 -6.46 21.36 36.27
CA LEU A 469 -5.27 21.35 35.45
C LEU A 469 -5.19 22.70 34.78
N THR A 470 -4.01 23.05 34.31
CA THR A 470 -3.83 24.31 33.60
C THR A 470 -3.20 24.01 32.24
N ASP A 471 -3.64 24.73 31.21
CA ASP A 471 -3.01 24.64 29.90
C ASP A 471 -3.32 23.30 29.23
N THR A 472 -4.59 22.94 29.25
CA THR A 472 -4.98 21.58 28.89
C THR A 472 -6.02 21.54 27.78
N THR A 473 -6.60 20.36 27.59
CA THR A 473 -7.54 20.13 26.50
C THR A 473 -8.61 19.18 27.00
N ASN A 474 -9.76 19.14 26.33
CA ASN A 474 -10.78 18.18 26.71
C ASN A 474 -10.22 16.78 26.75
N GLN A 475 -9.56 16.37 25.67
CA GLN A 475 -9.12 14.99 25.57
C GLN A 475 -8.14 14.71 26.71
N LYS A 476 -7.34 15.71 27.05
CA LYS A 476 -6.38 15.59 28.14
C LYS A 476 -7.09 15.48 29.48
N THR A 477 -7.99 16.41 29.75
CA THR A 477 -8.66 16.39 31.03
C THR A 477 -9.33 15.05 31.17
N GLU A 478 -9.78 14.49 30.05
CA GLU A 478 -10.56 13.26 30.09
C GLU A 478 -9.65 12.04 30.29
N LEU A 479 -8.48 12.06 29.67
CA LEU A 479 -7.45 11.05 29.95
C LEU A 479 -6.92 11.20 31.37
N GLN A 480 -6.72 12.45 31.80
CA GLN A 480 -6.31 12.72 33.16
C GLN A 480 -7.24 12.08 34.21
N ALA A 481 -8.54 12.09 33.92
CA ALA A 481 -9.53 11.59 34.86
C ALA A 481 -9.41 10.08 34.98
N ILE A 482 -9.36 9.39 33.86
CA ILE A 482 -9.06 7.98 33.94
C ILE A 482 -7.79 7.75 34.77
N TYR A 483 -6.79 8.63 34.64
CA TYR A 483 -5.52 8.44 35.34
C TYR A 483 -5.69 8.64 36.84
N LEU A 484 -6.60 9.52 37.21
CA LEU A 484 -6.89 9.75 38.61
C LEU A 484 -7.57 8.51 39.17
N ALA A 485 -8.53 7.98 38.42
CA ALA A 485 -9.28 6.85 38.90
C ALA A 485 -8.35 5.65 39.12
N LEU A 486 -7.47 5.37 38.17
CA LEU A 486 -6.53 4.28 38.35
C LEU A 486 -5.63 4.55 39.55
N GLN A 487 -5.17 5.78 39.70
CA GLN A 487 -4.29 6.10 40.81
C GLN A 487 -4.90 5.78 42.17
N ASP A 488 -6.19 6.05 42.32
CA ASP A 488 -6.81 6.00 43.64
C ASP A 488 -7.68 4.77 43.85
N SER A 489 -7.61 3.82 42.92
CA SER A 489 -8.39 2.60 43.02
C SER A 489 -7.51 1.43 43.47
N GLY A 490 -8.16 0.34 43.88
CA GLY A 490 -7.45 -0.82 44.35
C GLY A 490 -6.91 -1.59 43.18
N LEU A 491 -6.62 -2.87 43.39
CA LEU A 491 -6.13 -3.73 42.32
C LEU A 491 -7.21 -4.07 41.28
N GLU A 492 -8.46 -3.97 41.68
CA GLU A 492 -9.56 -4.16 40.75
C GLU A 492 -10.34 -2.88 40.73
N VAL A 493 -10.88 -2.52 39.58
CA VAL A 493 -11.57 -1.24 39.44
C VAL A 493 -12.46 -1.23 38.20
N ASN A 494 -13.65 -0.67 38.34
CA ASN A 494 -14.50 -0.35 37.19
C ASN A 494 -14.40 1.15 36.94
N ILE A 495 -14.16 1.52 35.70
CA ILE A 495 -14.21 2.92 35.33
C ILE A 495 -15.21 3.14 34.19
N VAL A 496 -16.05 4.14 34.38
CA VAL A 496 -17.02 4.56 33.39
C VAL A 496 -16.61 5.95 32.92
N THR A 497 -16.36 6.06 31.61
CA THR A 497 -15.98 7.31 30.98
C THR A 497 -17.09 7.71 29.96
N ASP A 498 -17.13 8.98 29.57
CA ASP A 498 -17.98 9.37 28.46
C ASP A 498 -17.16 9.69 27.19
N SER A 499 -15.86 9.44 27.24
CA SER A 499 -14.97 9.85 26.15
C SER A 499 -14.53 8.73 25.20
N GLN A 500 -14.98 8.80 23.97
CA GLN A 500 -14.62 7.79 22.96
C GLN A 500 -13.15 7.85 22.71
N TYR A 501 -12.62 9.07 22.56
CA TYR A 501 -11.18 9.30 22.42
C TYR A 501 -10.39 8.41 23.37
N ALA A 502 -10.72 8.50 24.65
CA ALA A 502 -9.99 7.82 25.70
C ALA A 502 -10.21 6.32 25.62
N LEU A 503 -11.47 5.93 25.57
CA LEU A 503 -11.85 4.53 25.46
C LEU A 503 -11.15 3.91 24.25
N GLY A 504 -11.06 4.65 23.17
CA GLY A 504 -10.41 4.16 21.96
C GLY A 504 -8.91 3.92 22.12
N ILE A 505 -8.21 4.85 22.74
CA ILE A 505 -6.81 4.64 23.03
C ILE A 505 -6.60 3.44 23.96
N ILE A 506 -7.36 3.37 25.04
CA ILE A 506 -7.09 2.40 26.09
C ILE A 506 -7.54 1.01 25.68
N GLN A 507 -8.67 0.93 24.98
CA GLN A 507 -9.20 -0.35 24.50
C GLN A 507 -8.18 -1.14 23.70
N ALA A 508 -7.35 -0.42 22.95
CA ALA A 508 -6.43 -1.05 22.01
C ALA A 508 -5.12 -1.47 22.66
N GLN A 509 -5.06 -1.38 23.99
CA GLN A 509 -4.01 -2.05 24.75
C GLN A 509 -2.58 -1.59 24.48
N PRO A 510 -2.35 -0.27 24.44
CA PRO A 510 -1.01 0.27 24.23
C PRO A 510 -0.03 -0.08 25.34
N ASP A 511 1.24 -0.22 24.99
CA ASP A 511 2.28 -0.38 25.99
C ASP A 511 3.36 0.68 25.80
N GLN A 512 3.27 1.42 24.71
CA GLN A 512 4.10 2.61 24.53
C GLN A 512 3.29 3.71 23.90
N SER A 513 3.66 4.94 24.19
CA SER A 513 2.99 6.09 23.63
C SER A 513 3.92 7.27 23.58
N GLU A 514 3.67 8.18 22.65
CA GLU A 514 4.37 9.47 22.63
C GLU A 514 3.98 10.36 23.81
N SER A 515 2.83 10.06 24.41
CA SER A 515 2.28 10.89 25.48
C SER A 515 2.65 10.35 26.85
N GLU A 516 3.23 11.22 27.68
CA GLU A 516 3.67 10.79 28.99
C GLU A 516 2.44 10.46 29.82
N LEU A 517 1.39 11.25 29.63
CA LEU A 517 0.13 11.01 30.32
C LEU A 517 -0.30 9.58 30.08
N VAL A 518 -0.31 9.17 28.82
CA VAL A 518 -0.74 7.82 28.44
C VAL A 518 0.28 6.79 28.94
N ASN A 519 1.55 7.16 28.98
CA ASN A 519 2.55 6.27 29.54
C ASN A 519 2.24 6.00 31.01
N GLN A 520 1.91 7.04 31.76
CA GLN A 520 1.59 6.87 33.17
C GLN A 520 0.34 6.00 33.31
N ILE A 521 -0.70 6.32 32.53
CA ILE A 521 -1.88 5.48 32.52
C ILE A 521 -1.48 4.03 32.28
N ILE A 522 -0.58 3.81 31.33
CA ILE A 522 -0.13 2.46 31.04
C ILE A 522 0.57 1.79 32.23
N GLU A 523 1.40 2.54 32.96
CA GLU A 523 2.05 1.95 34.12
C GLU A 523 0.96 1.50 35.09
N GLN A 524 0.04 2.41 35.40
CA GLN A 524 -1.12 2.08 36.21
C GLN A 524 -1.85 0.83 35.74
N LEU A 525 -2.24 0.78 34.48
CA LEU A 525 -2.98 -0.38 33.98
C LEU A 525 -2.22 -1.69 34.16
N ILE A 526 -0.91 -1.67 33.98
CA ILE A 526 -0.17 -2.92 34.07
C ILE A 526 -0.07 -3.37 35.52
N LYS A 527 0.01 -2.41 36.44
CA LYS A 527 0.00 -2.70 37.88
C LYS A 527 -1.31 -3.30 38.40
N LYS A 528 -2.43 -3.06 37.71
CA LYS A 528 -3.75 -3.47 38.21
C LYS A 528 -3.98 -4.93 37.91
N GLU A 529 -4.92 -5.55 38.61
CA GLU A 529 -5.25 -6.97 38.43
C GLU A 529 -6.45 -7.12 37.51
N LYS A 530 -7.42 -6.23 37.67
CA LYS A 530 -8.58 -6.20 36.78
C LYS A 530 -9.01 -4.77 36.55
N VAL A 531 -9.28 -4.43 35.31
CA VAL A 531 -9.78 -3.11 34.99
C VAL A 531 -10.91 -3.35 34.00
N TYR A 532 -12.01 -2.62 34.18
CA TYR A 532 -13.12 -2.64 33.23
C TYR A 532 -13.50 -1.22 32.85
N LEU A 533 -13.29 -0.88 31.58
CA LEU A 533 -13.63 0.44 31.06
C LEU A 533 -14.99 0.36 30.35
N ALA A 534 -15.96 1.12 30.85
CA ALA A 534 -17.26 1.18 30.20
C ALA A 534 -17.45 2.58 29.64
N TRP A 535 -18.28 2.72 28.62
CA TRP A 535 -18.52 4.05 28.06
C TRP A 535 -19.99 4.43 28.25
N VAL A 536 -20.27 5.72 28.26
CA VAL A 536 -21.64 6.20 28.17
C VAL A 536 -21.70 7.55 27.47
N PRO A 537 -22.79 7.82 26.75
CA PRO A 537 -22.96 9.12 26.10
C PRO A 537 -23.00 10.22 27.14
N ALA A 538 -22.30 11.32 26.88
CA ALA A 538 -22.21 12.45 27.82
C ALA A 538 -23.44 13.37 27.78
N HIS A 539 -23.62 14.16 28.83
CA HIS A 539 -24.73 15.11 28.89
C HIS A 539 -26.03 14.39 28.57
N LYS A 540 -26.34 13.37 29.36
CA LYS A 540 -27.58 12.62 29.19
C LYS A 540 -28.15 12.34 30.57
N GLY A 541 -27.54 12.93 31.58
CA GLY A 541 -28.05 12.83 32.93
C GLY A 541 -27.84 11.46 33.58
N ILE A 542 -27.27 10.54 32.83
CA ILE A 542 -26.93 9.23 33.37
C ILE A 542 -26.00 9.37 34.57
N GLY A 543 -26.25 8.59 35.61
CA GLY A 543 -25.45 8.70 36.82
C GLY A 543 -24.46 7.57 36.97
N GLY A 544 -23.35 7.85 37.65
CA GLY A 544 -23.15 9.17 38.19
C GLY A 544 -22.25 9.97 37.28
N ASN A 545 -22.34 9.71 35.98
CA ASN A 545 -21.64 10.54 35.04
C ASN A 545 -22.16 11.96 35.20
N GLU A 546 -23.44 12.07 35.56
CA GLU A 546 -24.05 13.37 35.76
C GLU A 546 -23.35 14.04 36.93
N GLN A 547 -23.05 13.27 37.96
CA GLN A 547 -22.36 13.80 39.13
C GLN A 547 -20.99 14.40 38.79
N VAL A 548 -20.11 13.61 38.19
CA VAL A 548 -18.76 14.11 37.83
C VAL A 548 -18.83 15.28 36.89
N ASP A 549 -19.78 15.24 35.98
CA ASP A 549 -19.89 16.29 34.99
C ASP A 549 -20.17 17.63 35.67
N LYS A 550 -21.16 17.68 36.57
CA LYS A 550 -21.47 18.90 37.31
C LYS A 550 -20.23 19.39 38.06
N LEU A 551 -19.44 18.44 38.52
CA LEU A 551 -18.33 18.66 39.46
C LEU A 551 -17.08 19.24 38.80
N VAL A 552 -16.72 18.70 37.65
CA VAL A 552 -15.56 19.18 36.89
C VAL A 552 -15.92 20.38 36.04
N SER A 553 -17.22 20.60 35.85
CA SER A 553 -17.72 21.83 35.22
C SER A 553 -17.88 22.97 36.22
N ALA A 554 -16.78 23.45 36.76
CA ALA A 554 -16.74 24.76 37.43
C ALA A 554 -16.20 25.75 36.41
N GLY A 555 -16.25 25.35 35.14
CA GLY A 555 -15.75 26.17 34.04
C GLY A 555 -16.57 25.88 32.78
N PRO B 16 -12.97 -3.34 -39.90
CA PRO B 16 -13.17 -1.99 -40.52
C PRO B 16 -14.12 -1.13 -39.68
N ILE B 17 -13.72 -0.84 -38.45
CA ILE B 17 -14.52 0.00 -37.56
C ILE B 17 -13.77 1.29 -37.21
N GLU B 18 -14.53 2.36 -36.98
CA GLU B 18 -13.97 3.67 -36.69
C GLU B 18 -13.87 3.89 -35.18
N THR B 19 -12.81 4.58 -34.78
CA THR B 19 -12.59 4.88 -33.37
C THR B 19 -13.45 6.06 -32.92
N VAL B 20 -14.08 5.91 -31.77
CA VAL B 20 -14.88 6.99 -31.20
C VAL B 20 -14.09 7.78 -30.17
N PRO B 21 -14.04 9.12 -30.34
CA PRO B 21 -13.25 9.98 -29.46
C PRO B 21 -13.70 9.87 -28.01
N VAL B 22 -12.75 10.00 -27.09
CA VAL B 22 -13.05 9.97 -25.66
C VAL B 22 -12.06 10.92 -24.98
N LYS B 23 -12.48 11.54 -23.87
CA LYS B 23 -11.65 12.56 -23.25
C LYS B 23 -11.59 12.42 -21.74
N LEU B 24 -10.74 13.21 -21.09
CA LEU B 24 -10.70 13.27 -19.64
C LEU B 24 -11.65 14.34 -19.19
N LYS B 25 -12.03 14.31 -17.91
CA LYS B 25 -12.75 15.43 -17.32
C LYS B 25 -11.86 16.68 -17.39
N PRO B 26 -12.49 17.86 -17.50
CA PRO B 26 -11.71 19.09 -17.65
C PRO B 26 -10.85 19.34 -16.43
N GLY B 27 -9.61 19.76 -16.67
CA GLY B 27 -8.73 20.11 -15.58
C GLY B 27 -8.03 18.92 -14.95
N MET B 28 -8.27 17.72 -15.48
CA MET B 28 -7.66 16.52 -14.92
C MET B 28 -6.69 15.86 -15.87
N ASP B 29 -5.59 15.35 -15.32
CA ASP B 29 -4.58 14.65 -16.09
C ASP B 29 -4.66 13.14 -15.83
N GLY B 30 -4.10 12.35 -16.73
CA GLY B 30 -4.17 10.90 -16.60
C GLY B 30 -3.50 10.35 -15.36
N PRO B 31 -3.73 9.07 -15.05
CA PRO B 31 -3.21 8.47 -13.82
C PRO B 31 -1.69 8.36 -13.78
N LYS B 32 -1.13 8.57 -12.60
CA LYS B 32 0.29 8.31 -12.39
C LYS B 32 0.52 7.49 -11.12
N VAL B 33 0.08 6.23 -11.16
CA VAL B 33 0.09 5.33 -9.99
C VAL B 33 1.15 4.23 -10.10
N LYS B 34 2.08 4.19 -9.16
CA LYS B 34 3.18 3.23 -9.15
C LYS B 34 2.76 1.77 -9.05
N GLN B 35 3.41 0.92 -9.82
CA GLN B 35 3.15 -0.51 -9.78
C GLN B 35 3.63 -1.08 -8.46
N TRP B 36 2.83 -1.95 -7.86
CA TRP B 36 3.23 -2.63 -6.64
C TRP B 36 3.86 -3.99 -6.93
N PRO B 37 4.66 -4.51 -5.98
CA PRO B 37 5.36 -5.79 -6.12
C PRO B 37 4.42 -6.96 -6.36
N LEU B 38 4.74 -7.80 -7.34
CA LEU B 38 3.91 -8.95 -7.70
C LEU B 38 4.65 -10.25 -7.44
N THR B 39 3.94 -11.30 -7.04
CA THR B 39 4.59 -12.60 -6.81
C THR B 39 5.02 -13.22 -8.12
N GLU B 40 5.94 -14.18 -8.01
CA GLU B 40 6.51 -14.79 -9.20
C GLU B 40 5.43 -15.39 -10.09
N GLU B 41 4.50 -16.10 -9.48
CA GLU B 41 3.44 -16.78 -10.21
C GLU B 41 2.63 -15.79 -11.04
N LYS B 42 2.35 -14.63 -10.46
CA LYS B 42 1.57 -13.62 -11.16
C LYS B 42 2.37 -13.00 -12.28
N ILE B 43 3.61 -12.62 -12.00
CA ILE B 43 4.43 -12.01 -13.04
C ILE B 43 4.62 -12.94 -14.22
N LYS B 44 4.75 -14.24 -13.97
CA LYS B 44 4.91 -15.22 -15.04
C LYS B 44 3.67 -15.24 -15.92
N ALA B 45 2.51 -15.17 -15.28
CA ALA B 45 1.24 -15.16 -16.01
C ALA B 45 1.07 -13.88 -16.84
N LEU B 46 1.31 -12.74 -16.22
CA LEU B 46 1.23 -11.48 -16.93
C LEU B 46 2.13 -11.45 -18.15
N VAL B 47 3.35 -11.95 -18.00
CA VAL B 47 4.29 -11.91 -19.11
C VAL B 47 3.81 -12.78 -20.27
N GLU B 48 3.07 -13.84 -19.94
CA GLU B 48 2.54 -14.73 -20.96
C GLU B 48 1.30 -14.12 -21.63
N ILE B 49 0.36 -13.66 -20.81
CA ILE B 49 -0.82 -12.95 -21.31
C ILE B 49 -0.41 -11.78 -22.22
N CYS B 50 0.56 -10.99 -21.77
CA CYS B 50 0.94 -9.80 -22.49
C CYS B 50 1.69 -10.07 -23.80
N THR B 51 2.56 -11.08 -23.81
CA THR B 51 3.22 -11.42 -25.05
C THR B 51 2.14 -11.81 -26.06
N GLU B 52 1.13 -12.51 -25.58
CA GLU B 52 0.06 -12.96 -26.45
C GLU B 52 -0.77 -11.81 -26.94
N MET B 53 -1.07 -10.86 -26.05
CA MET B 53 -1.86 -9.70 -26.45
C MET B 53 -1.06 -8.78 -27.36
N GLU B 54 0.25 -8.94 -27.36
CA GLU B 54 1.11 -8.11 -28.19
C GLU B 54 1.11 -8.69 -29.60
N LYS B 55 1.23 -10.01 -29.70
CA LYS B 55 1.04 -10.68 -30.98
C LYS B 55 -0.26 -10.22 -31.61
N GLU B 56 -1.35 -10.41 -30.89
CA GLU B 56 -2.67 -10.05 -31.38
C GLU B 56 -2.83 -8.55 -31.62
N GLY B 57 -1.75 -7.80 -31.44
CA GLY B 57 -1.81 -6.37 -31.69
C GLY B 57 -2.74 -5.58 -30.76
N LYS B 58 -3.19 -6.22 -29.68
CA LYS B 58 -4.15 -5.62 -28.76
C LYS B 58 -3.53 -4.62 -27.78
N ILE B 59 -2.23 -4.76 -27.51
CA ILE B 59 -1.48 -3.78 -26.71
C ILE B 59 -0.14 -3.56 -27.41
N SER B 60 0.52 -2.44 -27.12
CA SER B 60 1.87 -2.19 -27.64
C SER B 60 2.88 -1.76 -26.56
N LYS B 61 4.14 -2.14 -26.74
CA LYS B 61 5.23 -1.69 -25.87
C LYS B 61 5.44 -0.19 -26.04
N ILE B 62 5.77 0.48 -24.94
CA ILE B 62 5.97 1.93 -24.94
C ILE B 62 7.17 2.38 -24.08
N GLY B 63 7.50 3.66 -24.16
CA GLY B 63 8.67 4.13 -23.44
C GLY B 63 8.35 4.89 -22.17
N PRO B 64 9.39 5.40 -21.50
CA PRO B 64 9.28 6.27 -20.33
C PRO B 64 8.74 7.66 -20.67
N GLU B 65 8.77 8.04 -21.94
CA GLU B 65 8.30 9.37 -22.32
C GLU B 65 6.78 9.49 -22.20
N ASN B 66 6.07 8.36 -22.18
CA ASN B 66 4.70 8.37 -21.69
C ASN B 66 4.74 8.43 -20.18
N PRO B 67 4.19 9.50 -19.60
CA PRO B 67 4.22 9.87 -18.18
C PRO B 67 3.18 9.19 -17.32
N TYR B 68 2.32 8.37 -17.91
CA TYR B 68 1.22 7.81 -17.13
C TYR B 68 1.46 6.37 -16.68
N ASN B 69 0.74 5.97 -15.64
CA ASN B 69 0.82 4.59 -15.21
C ASN B 69 -0.31 4.14 -14.31
N THR B 70 -0.64 2.87 -14.44
CA THR B 70 -1.76 2.27 -13.74
C THR B 70 -1.33 0.84 -13.41
N PRO B 71 -1.55 0.41 -12.17
CA PRO B 71 -1.03 -0.90 -11.74
C PRO B 71 -1.67 -2.09 -12.45
N VAL B 72 -0.95 -3.20 -12.54
CA VAL B 72 -1.49 -4.45 -13.05
C VAL B 72 -1.15 -5.61 -12.14
N PHE B 73 -2.07 -6.56 -12.05
CA PHE B 73 -1.79 -7.83 -11.42
C PHE B 73 -2.55 -8.93 -12.13
N ALA B 74 -2.81 -10.04 -11.43
CA ALA B 74 -3.40 -11.18 -12.08
C ALA B 74 -4.08 -12.07 -11.05
N ILE B 75 -5.10 -12.81 -11.47
CA ILE B 75 -5.80 -13.70 -10.56
C ILE B 75 -6.06 -15.06 -11.19
N LYS B 76 -6.24 -16.07 -10.33
CA LYS B 76 -6.37 -17.45 -10.77
C LYS B 76 -7.74 -17.94 -10.35
N LYS B 77 -8.71 -17.85 -11.27
CA LYS B 77 -10.13 -17.91 -10.93
C LYS B 77 -10.58 -19.32 -10.62
N LYS B 78 -11.36 -19.46 -9.55
CA LYS B 78 -11.74 -20.76 -8.99
C LYS B 78 -10.51 -21.66 -8.82
N ASP B 79 -10.75 -22.96 -8.78
CA ASP B 79 -9.69 -23.92 -9.07
C ASP B 79 -9.47 -23.81 -10.57
N SER B 80 -8.25 -23.46 -10.97
CA SER B 80 -7.97 -23.15 -12.35
C SER B 80 -6.49 -23.22 -12.68
N THR B 81 -6.20 -23.33 -13.97
CA THR B 81 -4.85 -23.12 -14.48
C THR B 81 -4.89 -21.95 -15.46
N LYS B 82 -6.01 -21.22 -15.45
CA LYS B 82 -6.17 -20.05 -16.30
C LYS B 82 -6.21 -18.77 -15.47
N TRP B 83 -5.28 -17.85 -15.78
CA TRP B 83 -5.16 -16.57 -15.09
C TRP B 83 -5.90 -15.47 -15.83
N ARG B 84 -6.32 -14.44 -15.10
CA ARG B 84 -6.99 -13.29 -15.69
C ARG B 84 -6.21 -12.04 -15.35
N LYS B 85 -5.77 -11.31 -16.36
CA LYS B 85 -5.07 -10.07 -16.13
C LYS B 85 -6.10 -9.15 -15.52
N LEU B 86 -5.66 -8.33 -14.57
CA LEU B 86 -6.55 -7.40 -13.89
C LEU B 86 -5.84 -6.07 -13.78
N VAL B 87 -6.23 -5.11 -14.62
CA VAL B 87 -5.63 -3.78 -14.53
C VAL B 87 -6.46 -2.94 -13.57
N ASP B 88 -5.81 -2.29 -12.60
CA ASP B 88 -6.52 -1.44 -11.67
C ASP B 88 -6.72 -0.06 -12.27
N PHE B 89 -7.92 0.18 -12.82
CA PHE B 89 -8.19 1.40 -13.57
C PHE B 89 -8.99 2.43 -12.78
N ARG B 90 -9.27 2.18 -11.51
CA ARG B 90 -10.26 3.02 -10.84
C ARG B 90 -9.79 4.46 -10.71
N GLU B 91 -8.50 4.69 -10.92
CA GLU B 91 -8.01 6.05 -10.99
C GLU B 91 -8.25 6.64 -12.38
N LEU B 92 -8.07 5.85 -13.42
CA LEU B 92 -8.35 6.34 -14.77
C LEU B 92 -9.84 6.54 -14.93
N ASN B 93 -10.62 5.68 -14.28
CA ASN B 93 -12.06 5.73 -14.38
C ASN B 93 -12.58 6.98 -13.65
N LYS B 94 -12.03 7.21 -12.46
CA LYS B 94 -12.31 8.42 -11.70
C LYS B 94 -12.04 9.66 -12.55
N ARG B 95 -11.17 9.53 -13.55
CA ARG B 95 -10.68 10.69 -14.29
C ARG B 95 -11.26 10.79 -15.69
N THR B 96 -11.88 9.72 -16.16
CA THR B 96 -12.34 9.64 -17.54
C THR B 96 -13.66 10.37 -17.74
N GLN B 97 -13.82 10.94 -18.94
CA GLN B 97 -15.02 11.71 -19.30
C GLN B 97 -16.28 11.06 -18.76
N ASP B 98 -17.23 11.90 -18.33
CA ASP B 98 -18.47 11.42 -17.75
C ASP B 98 -19.30 10.66 -18.78
N PHE B 99 -18.62 10.04 -19.73
CA PHE B 99 -19.17 8.97 -20.57
C PHE B 99 -20.35 8.28 -19.91
N TRP B 100 -20.20 8.04 -18.61
CA TRP B 100 -21.14 7.23 -17.83
C TRP B 100 -22.51 7.90 -17.64
N GLU B 101 -22.53 9.10 -17.06
CA GLU B 101 -23.79 9.80 -16.81
C GLU B 101 -24.20 10.71 -17.97
N VAL B 102 -23.59 10.50 -19.13
CA VAL B 102 -23.96 11.26 -20.33
C VAL B 102 -24.30 10.34 -21.51
N GLN B 103 -23.38 9.45 -21.86
CA GLN B 103 -23.55 8.62 -23.04
C GLN B 103 -24.06 7.21 -22.74
N LEU B 104 -25.16 7.15 -21.98
CA LEU B 104 -25.84 5.90 -21.71
C LEU B 104 -27.33 6.16 -21.47
N GLY B 105 -28.18 5.44 -22.20
CA GLY B 105 -29.61 5.55 -21.97
C GLY B 105 -30.08 4.51 -20.98
N ILE B 106 -29.23 4.19 -20.00
CA ILE B 106 -29.38 3.00 -19.17
C ILE B 106 -30.08 3.26 -17.84
N PRO B 107 -31.35 2.87 -17.71
CA PRO B 107 -31.92 2.55 -16.39
C PRO B 107 -31.37 1.25 -15.80
N HIS B 108 -31.66 1.00 -14.53
CA HIS B 108 -31.16 -0.20 -13.87
C HIS B 108 -32.26 -1.23 -13.59
N PRO B 109 -32.10 -2.45 -14.15
CA PRO B 109 -33.05 -3.55 -14.01
C PRO B 109 -33.42 -3.85 -12.56
N ALA B 110 -34.54 -3.27 -12.13
CA ALA B 110 -35.01 -3.42 -10.76
C ALA B 110 -35.36 -4.86 -10.45
N GLY B 111 -35.64 -5.63 -11.48
CA GLY B 111 -36.12 -6.98 -11.27
C GLY B 111 -35.01 -7.97 -11.02
N LEU B 112 -33.80 -7.62 -11.42
CA LEU B 112 -32.67 -8.53 -11.31
C LEU B 112 -32.43 -8.96 -9.86
N LYS B 113 -32.73 -8.07 -8.92
CA LYS B 113 -32.49 -8.35 -7.50
C LYS B 113 -33.48 -9.37 -6.97
N LYS B 114 -34.59 -9.55 -7.69
CA LYS B 114 -35.65 -10.46 -7.28
C LYS B 114 -35.45 -11.86 -7.86
N LYS B 115 -34.74 -11.93 -8.99
CA LYS B 115 -34.57 -13.19 -9.72
C LYS B 115 -34.02 -14.36 -8.89
N LYS B 116 -34.63 -15.52 -9.08
CA LYS B 116 -34.31 -16.72 -8.31
C LYS B 116 -32.81 -17.03 -8.38
N SER B 117 -32.28 -17.12 -9.60
CA SER B 117 -30.86 -17.37 -9.78
C SER B 117 -30.24 -16.42 -10.78
N VAL B 118 -29.18 -15.74 -10.38
CA VAL B 118 -28.38 -14.95 -11.30
C VAL B 118 -27.02 -15.58 -11.54
N THR B 119 -26.59 -15.62 -12.80
CA THR B 119 -25.23 -16.04 -13.13
C THR B 119 -24.44 -14.89 -13.70
N VAL B 120 -23.16 -14.83 -13.38
CA VAL B 120 -22.31 -13.74 -13.83
C VAL B 120 -21.38 -14.25 -14.91
N LEU B 121 -21.30 -13.55 -16.04
CA LEU B 121 -20.40 -13.94 -17.12
C LEU B 121 -19.35 -12.88 -17.38
N ASP B 122 -18.16 -13.33 -17.77
CA ASP B 122 -17.04 -12.44 -17.97
C ASP B 122 -16.86 -12.09 -19.44
N VAL B 123 -17.66 -11.15 -19.93
CA VAL B 123 -17.57 -10.74 -21.33
C VAL B 123 -16.46 -9.72 -21.54
N GLY B 124 -15.27 -10.02 -21.02
CA GLY B 124 -14.14 -9.15 -21.24
C GLY B 124 -13.59 -9.25 -22.66
N ASP B 125 -13.42 -10.47 -23.15
CA ASP B 125 -12.88 -10.70 -24.49
C ASP B 125 -13.59 -9.84 -25.54
N ALA B 126 -14.89 -9.65 -25.35
CA ALA B 126 -15.71 -8.95 -26.34
C ALA B 126 -15.18 -7.55 -26.63
N TYR B 127 -14.45 -6.98 -25.68
CA TYR B 127 -13.97 -5.60 -25.81
C TYR B 127 -12.78 -5.43 -26.75
N PHE B 128 -11.91 -6.43 -26.82
CA PHE B 128 -10.73 -6.33 -27.66
C PHE B 128 -11.12 -6.20 -29.13
N SER B 129 -12.39 -6.41 -29.43
CA SER B 129 -12.87 -6.40 -30.80
C SER B 129 -13.08 -4.97 -31.30
N VAL B 130 -12.82 -3.99 -30.43
CA VAL B 130 -12.97 -2.58 -30.76
C VAL B 130 -11.67 -1.85 -30.51
N PRO B 131 -11.25 -0.98 -31.43
CA PRO B 131 -10.05 -0.16 -31.19
C PRO B 131 -10.30 1.05 -30.28
N LEU B 132 -9.23 1.56 -29.67
CA LEU B 132 -9.33 2.66 -28.73
C LEU B 132 -8.80 3.96 -29.33
N ASP B 133 -9.51 5.07 -29.08
CA ASP B 133 -9.06 6.36 -29.59
C ASP B 133 -7.56 6.55 -29.39
N GLU B 134 -6.83 6.68 -30.51
CA GLU B 134 -5.37 6.76 -30.46
C GLU B 134 -4.91 7.76 -29.41
N ASP B 135 -5.62 8.88 -29.31
CA ASP B 135 -5.21 9.94 -28.41
C ASP B 135 -5.40 9.62 -26.95
N PHE B 136 -6.20 8.59 -26.68
CA PHE B 136 -6.52 8.20 -25.31
C PHE B 136 -5.62 7.05 -24.86
N ARG B 137 -5.09 6.30 -25.83
CA ARG B 137 -4.21 5.15 -25.57
C ARG B 137 -3.18 5.46 -24.49
N LYS B 138 -2.56 6.63 -24.61
CA LYS B 138 -1.53 7.07 -23.68
C LYS B 138 -1.91 6.81 -22.22
N TYR B 139 -3.20 6.91 -21.92
CA TYR B 139 -3.65 6.88 -20.54
C TYR B 139 -3.85 5.47 -19.99
N THR B 140 -3.71 4.46 -20.83
CA THR B 140 -3.97 3.09 -20.39
C THR B 140 -2.67 2.34 -20.11
N ALA B 141 -1.56 3.06 -20.12
CA ALA B 141 -0.23 2.50 -19.87
C ALA B 141 -0.16 1.73 -18.54
N PHE B 142 0.56 0.61 -18.55
CA PHE B 142 0.96 -0.07 -17.33
C PHE B 142 2.37 -0.64 -17.40
N THR B 143 2.83 -1.20 -16.29
CA THR B 143 4.22 -1.61 -16.15
C THR B 143 4.40 -2.95 -15.45
N ILE B 144 4.90 -3.93 -16.20
CA ILE B 144 5.20 -5.24 -15.65
C ILE B 144 6.55 -5.24 -14.92
N PRO B 145 6.53 -5.50 -13.62
CA PRO B 145 7.74 -5.63 -12.78
C PRO B 145 8.48 -6.93 -13.05
N SER B 146 9.75 -6.99 -12.66
CA SER B 146 10.46 -8.26 -12.67
C SER B 146 10.84 -8.66 -11.26
N ILE B 147 11.15 -9.94 -11.06
CA ILE B 147 11.55 -10.39 -9.75
C ILE B 147 12.93 -9.84 -9.41
N ASN B 148 13.08 -9.31 -8.19
CA ASN B 148 14.37 -8.88 -7.72
C ASN B 148 14.93 -7.84 -8.69
N ASN B 149 14.04 -7.19 -9.44
CA ASN B 149 14.43 -6.07 -10.28
C ASN B 149 15.60 -6.45 -11.18
N GLU B 150 15.47 -7.59 -11.83
CA GLU B 150 16.49 -8.06 -12.74
C GLU B 150 16.43 -7.23 -14.02
N THR B 151 15.25 -6.67 -14.27
CA THR B 151 15.01 -5.80 -15.42
C THR B 151 14.33 -4.53 -14.95
N PRO B 152 14.56 -3.43 -15.66
CA PRO B 152 13.59 -2.33 -15.54
C PRO B 152 12.19 -2.79 -15.95
N GLY B 153 11.16 -2.10 -15.47
CA GLY B 153 9.80 -2.42 -15.91
C GLY B 153 9.55 -2.40 -17.41
N ILE B 154 8.72 -3.32 -17.89
CA ILE B 154 8.33 -3.37 -19.29
C ILE B 154 6.93 -2.75 -19.43
N ARG B 155 6.81 -1.72 -20.26
CA ARG B 155 5.59 -0.91 -20.29
C ARG B 155 4.77 -1.06 -21.57
N TYR B 156 3.47 -1.17 -21.40
CA TYR B 156 2.56 -1.30 -22.52
C TYR B 156 1.48 -0.22 -22.49
N GLN B 157 0.87 0.05 -23.63
CA GLN B 157 -0.37 0.79 -23.63
C GLN B 157 -1.36 0.04 -24.48
N TYR B 158 -2.65 0.33 -24.28
CA TYR B 158 -3.69 -0.44 -24.91
C TYR B 158 -3.96 0.08 -26.31
N ASN B 159 -4.46 -0.79 -27.18
CA ASN B 159 -4.82 -0.41 -28.55
C ASN B 159 -6.31 -0.65 -28.79
N VAL B 160 -6.86 -1.59 -28.03
CA VAL B 160 -8.28 -1.87 -28.06
C VAL B 160 -8.95 -1.28 -26.83
N LEU B 161 -10.19 -1.67 -26.56
CA LEU B 161 -10.88 -1.25 -25.34
C LEU B 161 -10.30 -2.05 -24.18
N PRO B 162 -9.84 -1.37 -23.13
CA PRO B 162 -9.28 -2.09 -21.99
C PRO B 162 -10.39 -2.71 -21.15
N GLN B 163 -10.23 -3.97 -20.76
CA GLN B 163 -11.06 -4.52 -19.69
C GLN B 163 -10.88 -3.68 -18.42
N GLY B 164 -11.96 -3.53 -17.66
CA GLY B 164 -11.89 -2.78 -16.42
C GLY B 164 -11.90 -1.27 -16.58
N TRP B 165 -11.99 -0.77 -17.81
CA TRP B 165 -12.12 0.67 -18.01
C TRP B 165 -13.60 1.07 -18.13
N LYS B 166 -13.92 2.24 -17.60
CA LYS B 166 -15.29 2.75 -17.59
C LYS B 166 -15.84 2.92 -19.02
N GLY B 167 -14.99 3.35 -19.94
CA GLY B 167 -15.44 3.59 -21.29
C GLY B 167 -15.70 2.33 -22.11
N SER B 168 -15.36 1.17 -21.59
CA SER B 168 -15.44 -0.04 -22.42
C SER B 168 -16.84 -0.59 -22.63
N PRO B 169 -17.65 -0.65 -21.56
CA PRO B 169 -19.06 -1.03 -21.80
C PRO B 169 -19.83 0.05 -22.55
N ALA B 170 -19.46 1.32 -22.34
CA ALA B 170 -20.17 2.41 -22.98
C ALA B 170 -19.94 2.38 -24.48
N ILE B 171 -18.68 2.37 -24.91
CA ILE B 171 -18.37 2.37 -26.33
C ILE B 171 -18.97 1.13 -26.99
N PHE B 172 -18.97 0.02 -26.27
CA PHE B 172 -19.38 -1.27 -26.86
C PHE B 172 -20.85 -1.56 -26.55
N GLN B 173 -21.48 -0.67 -25.80
CA GLN B 173 -22.89 -0.79 -25.46
C GLN B 173 -23.73 -1.29 -26.65
N SER B 174 -23.74 -0.50 -27.72
CA SER B 174 -24.62 -0.75 -28.85
C SER B 174 -24.36 -2.12 -29.47
N SER B 175 -23.10 -2.42 -29.76
CA SER B 175 -22.73 -3.74 -30.27
C SER B 175 -23.20 -4.84 -29.31
N MET B 176 -23.15 -4.54 -28.01
CA MET B 176 -23.59 -5.51 -27.01
C MET B 176 -25.10 -5.72 -27.13
N THR B 177 -25.82 -4.63 -27.34
CA THR B 177 -27.26 -4.66 -27.52
C THR B 177 -27.65 -5.50 -28.73
N LYS B 178 -26.90 -5.34 -29.82
CA LYS B 178 -27.19 -6.07 -31.05
C LYS B 178 -27.13 -7.57 -30.80
N ILE B 179 -26.08 -8.02 -30.12
CA ILE B 179 -25.89 -9.44 -29.86
C ILE B 179 -26.93 -9.98 -28.89
N LEU B 180 -27.19 -9.22 -27.83
CA LEU B 180 -28.14 -9.66 -26.82
C LEU B 180 -29.55 -9.64 -27.37
N GLU B 181 -29.87 -8.58 -28.12
CA GLU B 181 -31.22 -8.33 -28.59
C GLU B 181 -32.02 -9.61 -28.95
N PRO B 182 -31.51 -10.42 -29.89
CA PRO B 182 -32.25 -11.63 -30.29
C PRO B 182 -32.46 -12.63 -29.16
N PHE B 183 -31.52 -12.68 -28.21
CA PHE B 183 -31.63 -13.61 -27.10
C PHE B 183 -32.69 -13.15 -26.10
N ARG B 184 -32.81 -11.84 -25.95
CA ARG B 184 -33.77 -11.27 -25.03
C ARG B 184 -35.18 -11.47 -25.57
N LYS B 185 -35.32 -11.37 -26.88
CA LYS B 185 -36.61 -11.50 -27.54
C LYS B 185 -37.20 -12.91 -27.36
N GLN B 186 -36.35 -13.92 -27.42
CA GLN B 186 -36.80 -15.29 -27.31
C GLN B 186 -36.92 -15.73 -25.83
N ASN B 187 -36.25 -14.99 -24.95
CA ASN B 187 -36.38 -15.22 -23.51
C ASN B 187 -36.67 -13.89 -22.82
N PRO B 188 -37.96 -13.54 -22.69
CA PRO B 188 -38.41 -12.25 -22.14
C PRO B 188 -38.31 -12.16 -20.62
N ASP B 189 -38.44 -13.31 -19.97
CA ASP B 189 -38.41 -13.38 -18.51
C ASP B 189 -36.99 -13.51 -17.96
N ILE B 190 -36.04 -13.73 -18.85
CA ILE B 190 -34.63 -13.66 -18.49
C ILE B 190 -34.19 -12.19 -18.54
N VAL B 191 -33.66 -11.70 -17.43
CA VAL B 191 -33.14 -10.34 -17.39
C VAL B 191 -31.61 -10.35 -17.45
N ILE B 192 -31.07 -9.71 -18.46
CA ILE B 192 -29.63 -9.63 -18.63
C ILE B 192 -29.12 -8.21 -18.36
N TYR B 193 -28.28 -8.07 -17.34
CA TYR B 193 -27.70 -6.78 -17.00
C TYR B 193 -26.19 -6.73 -17.16
N GLN B 194 -25.68 -5.58 -17.60
CA GLN B 194 -24.25 -5.46 -17.85
C GLN B 194 -23.59 -4.41 -16.95
N TYR B 195 -22.54 -4.84 -16.26
CA TYR B 195 -21.69 -3.92 -15.52
C TYR B 195 -20.21 -4.19 -15.81
N MET B 196 -19.56 -3.22 -16.45
CA MET B 196 -18.16 -3.38 -16.82
C MET B 196 -17.96 -4.70 -17.58
N ASP B 197 -16.99 -5.50 -17.13
CA ASP B 197 -16.67 -6.75 -17.83
C ASP B 197 -17.77 -7.77 -17.58
N ASP B 198 -18.77 -7.40 -16.80
CA ASP B 198 -19.73 -8.38 -16.30
C ASP B 198 -21.08 -8.38 -16.99
N LEU B 199 -21.53 -9.57 -17.34
CA LEU B 199 -22.91 -9.78 -17.74
C LEU B 199 -23.62 -10.51 -16.60
N TYR B 200 -24.65 -9.87 -16.06
CA TYR B 200 -25.47 -10.49 -15.03
C TYR B 200 -26.73 -11.04 -15.65
N VAL B 201 -26.98 -12.32 -15.43
CA VAL B 201 -28.09 -13.02 -16.07
C VAL B 201 -28.97 -13.73 -15.04
N GLY B 202 -30.17 -13.20 -14.83
CA GLY B 202 -31.05 -13.77 -13.83
C GLY B 202 -32.30 -14.41 -14.42
N SER B 203 -32.80 -15.44 -13.76
CA SER B 203 -34.05 -16.09 -14.17
C SER B 203 -34.73 -16.73 -12.98
N ASP B 204 -35.99 -17.14 -13.18
CA ASP B 204 -36.71 -17.89 -12.15
C ASP B 204 -36.83 -19.36 -12.54
N LEU B 205 -35.91 -19.84 -13.36
CA LEU B 205 -35.91 -21.23 -13.79
C LEU B 205 -35.39 -22.17 -12.70
N GLU B 206 -35.94 -23.37 -12.67
CA GLU B 206 -35.46 -24.44 -11.81
C GLU B 206 -33.96 -24.58 -12.04
N ILE B 207 -33.18 -24.57 -10.96
CA ILE B 207 -31.74 -24.74 -11.09
C ILE B 207 -31.50 -26.02 -11.89
N GLY B 208 -30.84 -25.88 -13.04
CA GLY B 208 -30.75 -26.98 -13.97
C GLY B 208 -31.19 -26.53 -15.34
N GLN B 209 -32.44 -26.06 -15.43
CA GLN B 209 -32.93 -25.44 -16.65
C GLN B 209 -32.24 -24.10 -16.86
N HIS B 210 -31.99 -23.39 -15.75
CA HIS B 210 -31.28 -22.12 -15.74
C HIS B 210 -29.90 -22.21 -16.38
N ARG B 211 -29.07 -23.11 -15.88
CA ARG B 211 -27.75 -23.33 -16.45
C ARG B 211 -27.86 -23.74 -17.91
N THR B 212 -28.81 -24.62 -18.20
CA THR B 212 -29.04 -25.09 -19.55
C THR B 212 -29.25 -23.86 -20.42
N LYS B 213 -30.06 -22.94 -19.91
CA LYS B 213 -30.35 -21.69 -20.61
C LYS B 213 -29.13 -20.79 -20.68
N ILE B 214 -28.34 -20.75 -19.59
CA ILE B 214 -27.11 -19.96 -19.58
C ILE B 214 -26.09 -20.45 -20.60
N GLU B 215 -25.94 -21.77 -20.67
CA GLU B 215 -25.01 -22.37 -21.62
C GLU B 215 -25.45 -21.95 -23.02
N GLU B 216 -26.72 -21.61 -23.12
CA GLU B 216 -27.37 -21.31 -24.38
C GLU B 216 -27.13 -19.86 -24.78
N LEU B 217 -27.01 -18.98 -23.80
CA LEU B 217 -26.58 -17.61 -24.06
C LEU B 217 -25.09 -17.59 -24.42
N ARG B 218 -24.31 -18.42 -23.74
CA ARG B 218 -22.89 -18.52 -24.03
C ARG B 218 -22.67 -19.15 -25.40
N GLN B 219 -23.71 -19.81 -25.91
CA GLN B 219 -23.64 -20.35 -27.27
C GLN B 219 -23.81 -19.26 -28.31
N HIS B 220 -24.74 -18.35 -28.07
CA HIS B 220 -24.92 -17.19 -28.92
C HIS B 220 -23.72 -16.27 -28.82
N LEU B 221 -23.03 -16.29 -27.68
CA LEU B 221 -21.91 -15.40 -27.46
C LEU B 221 -20.62 -15.88 -28.12
N LEU B 222 -20.52 -17.19 -28.35
CA LEU B 222 -19.43 -17.72 -29.14
C LEU B 222 -19.63 -17.38 -30.62
N ARG B 223 -20.84 -16.96 -30.97
CA ARG B 223 -21.21 -16.71 -32.36
C ARG B 223 -20.63 -15.41 -32.92
N TRP B 224 -20.29 -14.46 -32.06
CA TRP B 224 -19.61 -13.25 -32.49
C TRP B 224 -18.12 -13.33 -32.16
N GLY B 225 -17.82 -13.93 -31.01
CA GLY B 225 -16.42 -14.13 -30.62
C GLY B 225 -15.87 -13.01 -29.75
N LEU B 226 -14.67 -13.20 -29.21
CA LEU B 226 -13.94 -14.47 -29.30
C LEU B 226 -13.24 -14.73 -27.97
N MET B 242 -14.72 -17.55 -13.42
CA MET B 242 -16.05 -16.89 -13.40
C MET B 242 -16.96 -17.48 -12.29
N GLY B 243 -18.07 -16.80 -12.00
CA GLY B 243 -19.03 -17.33 -11.05
C GLY B 243 -19.39 -16.41 -9.88
N TYR B 244 -19.84 -17.00 -8.77
CA TYR B 244 -20.14 -18.43 -8.69
C TYR B 244 -21.54 -18.69 -9.25
N GLU B 245 -22.53 -18.55 -8.38
CA GLU B 245 -23.93 -18.60 -8.78
C GLU B 245 -24.78 -17.84 -7.75
N LEU B 246 -25.38 -16.73 -8.19
CA LEU B 246 -26.09 -15.82 -7.29
C LEU B 246 -27.57 -16.13 -7.15
N HIS B 247 -28.07 -16.07 -5.92
CA HIS B 247 -29.48 -16.22 -5.65
C HIS B 247 -29.96 -14.99 -4.88
N PRO B 248 -30.17 -13.88 -5.58
CA PRO B 248 -30.41 -12.56 -4.97
C PRO B 248 -31.59 -12.49 -4.00
N ASP B 249 -32.67 -13.20 -4.30
CA ASP B 249 -33.87 -13.06 -3.48
C ASP B 249 -33.78 -13.85 -2.18
N LYS B 250 -32.58 -14.29 -1.84
CA LYS B 250 -32.34 -14.95 -0.56
C LYS B 250 -31.40 -14.10 0.29
N TRP B 251 -30.86 -13.05 -0.31
CA TRP B 251 -30.16 -12.02 0.45
C TRP B 251 -31.13 -11.48 1.47
N THR B 252 -30.62 -10.87 2.54
CA THR B 252 -31.49 -10.31 3.57
C THR B 252 -30.77 -9.30 4.48
N VAL B 253 -31.54 -8.60 5.29
CA VAL B 253 -31.00 -7.55 6.14
C VAL B 253 -30.76 -8.01 7.58
N GLN B 254 -29.72 -7.45 8.20
CA GLN B 254 -29.46 -7.64 9.61
C GLN B 254 -29.92 -6.40 10.38
N PRO B 255 -31.12 -6.46 10.97
CA PRO B 255 -31.67 -5.35 11.75
C PRO B 255 -30.93 -5.17 13.07
N ILE B 256 -30.90 -3.95 13.57
CA ILE B 256 -30.45 -3.69 14.92
C ILE B 256 -31.40 -4.36 15.89
N VAL B 257 -30.87 -4.85 17.00
CA VAL B 257 -31.65 -5.69 17.90
C VAL B 257 -31.20 -5.47 19.34
N LEU B 258 -32.15 -5.51 20.28
CA LEU B 258 -31.86 -5.31 21.69
C LEU B 258 -31.82 -6.62 22.47
N PRO B 259 -30.94 -6.68 23.48
CA PRO B 259 -30.78 -7.88 24.31
C PRO B 259 -32.02 -8.08 25.20
N GLU B 260 -32.38 -9.34 25.44
CA GLU B 260 -33.48 -9.64 26.36
C GLU B 260 -32.95 -10.36 27.60
N LYS B 261 -33.14 -9.74 28.76
CA LYS B 261 -32.62 -10.26 30.02
C LYS B 261 -33.73 -10.44 31.06
N ASP B 262 -33.54 -11.39 31.96
CA ASP B 262 -34.47 -11.62 33.06
C ASP B 262 -34.10 -10.77 34.27
N SER B 263 -32.83 -10.41 34.38
CA SER B 263 -32.45 -9.31 35.25
C SER B 263 -31.43 -8.40 34.54
N TRP B 264 -31.44 -7.13 34.90
CA TRP B 264 -30.56 -6.17 34.27
C TRP B 264 -29.68 -5.55 35.34
N THR B 265 -28.44 -5.25 34.98
CA THR B 265 -27.57 -4.55 35.92
C THR B 265 -27.39 -3.11 35.49
N VAL B 266 -26.92 -2.29 36.40
CA VAL B 266 -26.63 -0.91 36.04
C VAL B 266 -25.81 -0.93 34.76
N ASN B 267 -24.87 -1.87 34.68
CA ASN B 267 -24.02 -1.99 33.51
C ASN B 267 -24.86 -2.34 32.29
N ASP B 268 -25.70 -3.36 32.44
CA ASP B 268 -26.52 -3.83 31.32
C ASP B 268 -27.31 -2.67 30.75
N ILE B 269 -27.86 -1.84 31.64
CA ILE B 269 -28.71 -0.72 31.22
C ILE B 269 -27.91 0.46 30.67
N GLN B 270 -26.70 0.67 31.18
CA GLN B 270 -25.82 1.72 30.68
C GLN B 270 -25.41 1.43 29.25
N LYS B 271 -25.12 0.18 28.94
CA LYS B 271 -24.83 -0.19 27.56
C LYS B 271 -26.07 0.04 26.71
N LEU B 272 -27.20 -0.44 27.20
CA LEU B 272 -28.46 -0.38 26.47
C LEU B 272 -28.87 1.05 26.08
N VAL B 273 -28.78 1.97 27.04
CA VAL B 273 -29.06 3.37 26.76
C VAL B 273 -28.10 3.95 25.71
N GLY B 274 -26.82 3.61 25.80
CA GLY B 274 -25.88 4.12 24.84
C GLY B 274 -26.22 3.63 23.44
N LYS B 275 -26.51 2.34 23.35
CA LYS B 275 -26.87 1.75 22.07
C LYS B 275 -28.09 2.44 21.51
N LEU B 276 -29.17 2.52 22.31
CA LEU B 276 -30.40 3.15 21.86
C LEU B 276 -30.17 4.60 21.46
N ASN B 277 -29.43 5.31 22.31
CA ASN B 277 -29.23 6.72 22.11
C ASN B 277 -28.62 7.01 20.74
N TRP B 278 -27.67 6.17 20.36
CA TRP B 278 -27.04 6.26 19.05
C TRP B 278 -28.06 5.83 17.98
N ALA B 279 -28.78 4.76 18.27
CA ALA B 279 -29.71 4.21 17.30
C ALA B 279 -30.83 5.21 17.03
N SER B 280 -31.04 6.13 17.96
CA SER B 280 -32.10 7.10 17.79
C SER B 280 -31.74 8.06 16.65
N GLN B 281 -30.44 8.12 16.35
CA GLN B 281 -29.95 8.92 15.23
C GLN B 281 -30.38 8.29 13.91
N ILE B 282 -30.68 7.00 13.93
CA ILE B 282 -31.16 6.31 12.75
C ILE B 282 -32.68 6.25 12.73
N TYR B 283 -33.27 5.68 13.78
CA TYR B 283 -34.73 5.69 13.94
C TYR B 283 -35.12 6.70 15.00
N PRO B 284 -35.65 7.86 14.57
CA PRO B 284 -35.94 8.94 15.53
C PRO B 284 -37.08 8.60 16.49
N GLY B 285 -37.68 7.43 16.29
CA GLY B 285 -38.73 7.00 17.20
C GLY B 285 -38.23 6.50 18.54
N ILE B 286 -36.96 6.13 18.62
CA ILE B 286 -36.38 5.58 19.84
C ILE B 286 -36.21 6.62 20.96
N LYS B 287 -36.80 6.33 22.11
CA LYS B 287 -36.66 7.17 23.29
C LYS B 287 -36.01 6.39 24.43
N VAL B 288 -35.25 7.09 25.26
CA VAL B 288 -34.38 6.44 26.24
C VAL B 288 -34.55 7.06 27.64
N ARG B 289 -35.56 7.90 27.82
CA ARG B 289 -35.72 8.67 29.05
C ARG B 289 -36.11 7.83 30.28
N GLN B 290 -37.11 6.98 30.15
CA GLN B 290 -37.56 6.18 31.28
C GLN B 290 -36.49 5.18 31.69
N LEU B 291 -35.76 4.67 30.71
CA LEU B 291 -34.64 3.77 30.99
C LEU B 291 -33.49 4.54 31.63
N SER B 292 -33.26 5.75 31.14
CA SER B 292 -32.13 6.55 31.60
C SER B 292 -32.33 6.98 33.05
N LYS B 293 -33.52 6.79 33.59
CA LYS B 293 -33.81 7.25 34.94
C LYS B 293 -33.86 6.11 35.95
N LEU B 294 -33.72 4.88 35.45
CA LEU B 294 -33.41 3.76 36.32
C LEU B 294 -31.99 3.96 36.84
N LEU B 295 -31.20 4.70 36.07
CA LEU B 295 -29.84 5.08 36.46
C LEU B 295 -29.88 6.51 36.96
N ARG B 296 -30.38 6.69 38.17
CA ARG B 296 -30.18 7.95 38.87
C ARG B 296 -29.36 7.66 40.11
N GLY B 297 -28.36 8.48 40.34
CA GLY B 297 -27.47 8.25 41.47
C GLY B 297 -26.11 7.86 40.95
N THR B 298 -25.38 7.10 41.75
CA THR B 298 -24.00 6.76 41.47
C THR B 298 -23.83 5.29 41.84
N LYS B 299 -24.33 4.39 41.01
CA LYS B 299 -24.37 2.98 41.38
C LYS B 299 -23.19 2.11 40.91
N ALA B 300 -22.91 1.07 41.69
CA ALA B 300 -21.97 0.03 41.27
C ALA B 300 -22.47 -0.65 39.98
N LEU B 301 -21.55 -0.97 39.09
CA LEU B 301 -21.94 -1.50 37.79
C LEU B 301 -22.69 -2.83 37.91
N THR B 302 -22.32 -3.66 38.87
CA THR B 302 -22.96 -4.97 38.99
C THR B 302 -24.19 -5.00 39.88
N GLU B 303 -24.67 -3.83 40.30
CA GLU B 303 -25.95 -3.77 41.01
C GLU B 303 -27.08 -4.13 40.04
N VAL B 304 -28.05 -4.91 40.52
CA VAL B 304 -29.18 -5.26 39.67
C VAL B 304 -30.34 -4.31 39.87
N ILE B 305 -30.80 -3.72 38.79
CA ILE B 305 -31.96 -2.85 38.85
C ILE B 305 -33.13 -3.51 38.14
N PRO B 306 -34.21 -3.79 38.90
CA PRO B 306 -35.45 -4.32 38.33
C PRO B 306 -36.13 -3.24 37.49
N LEU B 307 -36.65 -3.62 36.32
CA LEU B 307 -37.17 -2.64 35.39
C LEU B 307 -38.61 -2.25 35.74
N THR B 308 -38.85 -0.95 35.88
CA THR B 308 -40.19 -0.43 36.17
C THR B 308 -41.10 -0.59 34.95
N GLU B 309 -42.40 -0.77 35.21
CA GLU B 309 -43.42 -0.87 34.16
C GLU B 309 -43.11 -0.03 32.92
N GLU B 310 -42.82 1.24 33.13
CA GLU B 310 -42.54 2.14 32.02
C GLU B 310 -41.27 1.71 31.29
N ALA B 311 -40.16 1.68 32.01
CA ALA B 311 -38.89 1.23 31.45
C ALA B 311 -39.14 -0.04 30.64
N GLU B 312 -39.93 -0.94 31.20
CA GLU B 312 -40.19 -2.24 30.60
C GLU B 312 -40.97 -2.03 29.29
N LEU B 313 -42.04 -1.26 29.37
CA LEU B 313 -42.85 -0.98 28.20
C LEU B 313 -42.03 -0.23 27.15
N GLU B 314 -41.38 0.85 27.57
CA GLU B 314 -40.56 1.67 26.66
C GLU B 314 -39.52 0.83 25.93
N LEU B 315 -39.00 -0.19 26.60
CA LEU B 315 -38.05 -1.11 25.99
C LEU B 315 -38.77 -1.90 24.89
N ALA B 316 -40.05 -2.13 25.08
CA ALA B 316 -40.84 -2.88 24.11
C ALA B 316 -41.16 -2.03 22.89
N GLU B 317 -41.47 -0.76 23.12
CA GLU B 317 -41.65 0.20 22.02
C GLU B 317 -40.44 0.16 21.09
N ASN B 318 -39.31 0.59 21.64
CA ASN B 318 -38.05 0.63 20.90
C ASN B 318 -37.81 -0.66 20.12
N ARG B 319 -37.99 -1.80 20.78
CA ARG B 319 -37.61 -3.07 20.17
C ARG B 319 -38.44 -3.29 18.91
N GLU B 320 -39.65 -2.74 18.92
CA GLU B 320 -40.52 -2.81 17.76
C GLU B 320 -40.11 -1.74 16.76
N ILE B 321 -40.07 -0.49 17.20
CA ILE B 321 -39.58 0.59 16.35
C ILE B 321 -38.41 0.16 15.46
N LEU B 322 -37.56 -0.70 15.99
CA LEU B 322 -36.40 -1.15 15.23
C LEU B 322 -36.80 -2.08 14.08
N LYS B 323 -37.92 -2.77 14.26
CA LYS B 323 -38.53 -3.55 13.18
C LYS B 323 -38.84 -2.66 11.97
N GLU B 324 -39.64 -1.62 12.18
CA GLU B 324 -40.00 -0.65 11.14
C GLU B 324 -38.83 -0.38 10.19
N PRO B 325 -39.13 -0.20 8.90
CA PRO B 325 -38.11 0.15 7.92
C PRO B 325 -37.64 1.61 8.05
N VAL B 326 -36.36 1.83 7.84
CA VAL B 326 -35.81 3.19 7.90
C VAL B 326 -36.55 4.07 6.90
N HIS B 327 -37.27 5.05 7.40
CA HIS B 327 -38.06 5.94 6.55
C HIS B 327 -37.19 7.02 5.91
N GLY B 328 -37.50 7.39 4.68
CA GLY B 328 -36.91 8.58 4.08
C GLY B 328 -35.54 8.36 3.45
N VAL B 329 -35.35 7.20 2.84
CA VAL B 329 -34.05 6.89 2.26
C VAL B 329 -34.16 6.68 0.74
N TYR B 330 -33.53 7.56 -0.02
CA TYR B 330 -33.70 7.57 -1.46
C TYR B 330 -32.37 7.46 -2.19
N TYR B 331 -32.20 6.41 -2.99
CA TYR B 331 -30.95 6.23 -3.70
C TYR B 331 -30.66 7.31 -4.75
N ASP B 332 -29.60 8.09 -4.51
CA ASP B 332 -29.15 9.12 -5.44
C ASP B 332 -27.90 8.68 -6.23
N PRO B 333 -28.06 8.42 -7.53
CA PRO B 333 -26.97 7.91 -8.37
C PRO B 333 -25.80 8.88 -8.53
N SER B 334 -26.08 10.17 -8.43
CA SER B 334 -25.03 11.18 -8.57
C SER B 334 -24.06 11.09 -7.39
N LYS B 335 -24.58 10.71 -6.23
CA LYS B 335 -23.79 10.65 -5.01
C LYS B 335 -23.24 9.23 -4.86
N ASP B 336 -22.08 9.10 -4.22
CA ASP B 336 -21.43 7.80 -4.18
C ASP B 336 -21.91 6.94 -3.01
N LEU B 337 -21.87 5.63 -3.21
CA LEU B 337 -22.30 4.68 -2.18
C LEU B 337 -21.18 4.44 -1.16
N ILE B 338 -21.49 4.58 0.11
CA ILE B 338 -20.51 4.37 1.16
C ILE B 338 -20.80 3.04 1.81
N ALA B 339 -19.78 2.20 1.99
CA ALA B 339 -19.99 0.98 2.76
C ALA B 339 -19.08 0.98 3.99
N GLU B 340 -19.66 0.69 5.15
CA GLU B 340 -18.86 0.48 6.35
C GLU B 340 -18.94 -0.97 6.78
N ILE B 341 -17.82 -1.50 7.26
CA ILE B 341 -17.76 -2.87 7.75
C ILE B 341 -17.13 -2.90 9.12
N GLN B 342 -17.74 -3.65 10.03
CA GLN B 342 -17.19 -3.85 11.36
C GLN B 342 -16.91 -5.33 11.59
N LYS B 343 -15.74 -5.63 12.17
CA LYS B 343 -15.40 -7.00 12.54
C LYS B 343 -16.13 -7.34 13.83
N GLN B 344 -16.97 -8.37 13.80
CA GLN B 344 -17.71 -8.74 14.99
C GLN B 344 -17.02 -9.86 15.73
N GLY B 345 -15.96 -10.39 15.13
CA GLY B 345 -15.28 -11.55 15.70
C GLY B 345 -15.91 -12.86 15.23
N GLN B 346 -15.31 -13.97 15.67
CA GLN B 346 -15.78 -15.32 15.35
C GLN B 346 -16.37 -15.45 13.95
N GLY B 347 -15.70 -14.86 12.97
CA GLY B 347 -16.12 -15.01 11.58
C GLY B 347 -17.32 -14.16 11.15
N GLN B 348 -17.87 -13.38 12.08
CA GLN B 348 -18.99 -12.50 11.75
C GLN B 348 -18.50 -11.15 11.26
N TRP B 349 -19.18 -10.61 10.27
CA TRP B 349 -18.87 -9.26 9.79
C TRP B 349 -20.18 -8.55 9.51
N THR B 350 -20.29 -7.29 9.92
CA THR B 350 -21.50 -6.55 9.67
C THR B 350 -21.22 -5.38 8.74
N TYR B 351 -22.18 -5.10 7.85
CA TYR B 351 -22.01 -3.99 6.96
C TYR B 351 -23.26 -3.12 6.82
N GLN B 352 -23.05 -1.86 6.49
CA GLN B 352 -24.14 -0.96 6.15
C GLN B 352 -23.75 -0.22 4.88
N ILE B 353 -24.76 0.09 4.06
CA ILE B 353 -24.55 0.86 2.85
C ILE B 353 -25.40 2.12 2.96
N TYR B 354 -24.75 3.27 2.94
CA TYR B 354 -25.44 4.53 3.04
C TYR B 354 -24.77 5.54 2.12
N GLN B 355 -25.47 6.63 1.85
CA GLN B 355 -24.89 7.74 1.09
C GLN B 355 -24.83 8.97 1.99
N GLU B 356 -25.75 9.02 2.92
CA GLU B 356 -25.77 10.05 3.95
C GLU B 356 -25.84 9.35 5.28
N PRO B 357 -25.11 9.86 6.28
CA PRO B 357 -25.06 9.30 7.64
C PRO B 357 -26.44 8.93 8.21
N PHE B 358 -26.50 7.74 8.79
CA PHE B 358 -27.70 7.22 9.46
C PHE B 358 -28.84 6.97 8.47
N LYS B 359 -28.54 7.18 7.19
CA LYS B 359 -29.52 6.95 6.14
C LYS B 359 -29.21 5.68 5.36
N ASN B 360 -29.29 4.54 6.03
CA ASN B 360 -28.86 3.29 5.41
C ASN B 360 -29.82 2.84 4.34
N LEU B 361 -29.27 2.29 3.27
CA LEU B 361 -30.06 1.69 2.20
C LEU B 361 -30.13 0.19 2.48
N LYS B 362 -29.09 -0.34 3.11
CA LYS B 362 -29.04 -1.77 3.40
C LYS B 362 -28.04 -2.04 4.52
N THR B 363 -28.47 -2.84 5.49
CA THR B 363 -27.62 -3.26 6.58
C THR B 363 -27.54 -4.79 6.55
N GLY B 364 -26.35 -5.33 6.69
CA GLY B 364 -26.21 -6.75 6.52
C GLY B 364 -25.17 -7.33 7.44
N LYS B 365 -25.06 -8.65 7.42
CA LYS B 365 -23.92 -9.30 8.06
C LYS B 365 -23.43 -10.41 7.14
N TYR B 366 -22.12 -10.62 7.18
CA TYR B 366 -21.46 -11.69 6.42
C TYR B 366 -20.93 -12.71 7.44
N ALA B 367 -21.34 -13.96 7.27
CA ALA B 367 -20.90 -15.03 8.16
C ALA B 367 -19.86 -15.89 7.47
N ARG B 368 -18.92 -16.42 8.24
CA ARG B 368 -17.92 -17.32 7.69
C ARG B 368 -17.38 -18.26 8.76
N MET B 369 -16.43 -19.11 8.34
CA MET B 369 -15.94 -20.20 9.17
C MET B 369 -15.50 -19.74 10.55
N ARG B 370 -16.00 -20.42 11.59
CA ARG B 370 -15.64 -20.09 12.96
C ARG B 370 -14.39 -20.84 13.42
N GLY B 371 -13.64 -21.40 12.48
CA GLY B 371 -12.52 -22.26 12.82
C GLY B 371 -11.40 -21.61 13.59
N ALA B 372 -10.23 -22.25 13.56
CA ALA B 372 -9.06 -21.73 14.27
C ALA B 372 -8.15 -21.01 13.29
N HIS B 373 -8.23 -21.43 12.02
CA HIS B 373 -7.30 -20.98 10.99
C HIS B 373 -7.87 -19.86 10.13
N THR B 374 -8.91 -19.22 10.66
CA THR B 374 -9.53 -18.08 9.97
C THR B 374 -8.47 -17.08 9.54
N ASN B 375 -8.59 -16.60 8.30
CA ASN B 375 -7.73 -15.53 7.84
C ASN B 375 -8.58 -14.25 7.70
N ASP B 376 -8.38 -13.31 8.63
CA ASP B 376 -9.18 -12.09 8.68
C ASP B 376 -9.16 -11.33 7.37
N VAL B 377 -7.99 -11.25 6.75
CA VAL B 377 -7.85 -10.46 5.55
C VAL B 377 -8.50 -11.14 4.36
N LYS B 378 -8.29 -12.44 4.21
CA LYS B 378 -9.06 -13.17 3.25
C LYS B 378 -10.55 -12.85 3.47
N GLN B 379 -11.02 -13.10 4.69
CA GLN B 379 -12.42 -12.88 5.04
C GLN B 379 -12.88 -11.46 4.72
N LEU B 380 -12.04 -10.47 4.97
CA LEU B 380 -12.44 -9.10 4.70
C LEU B 380 -12.65 -8.87 3.22
N THR B 381 -11.83 -9.52 2.39
CA THR B 381 -11.88 -9.21 0.96
C THR B 381 -12.98 -10.03 0.30
N GLU B 382 -13.30 -11.17 0.89
CA GLU B 382 -14.48 -11.91 0.45
C GLU B 382 -15.73 -11.11 0.84
N ALA B 383 -15.64 -10.40 1.95
CA ALA B 383 -16.75 -9.59 2.41
C ALA B 383 -17.00 -8.41 1.48
N VAL B 384 -15.93 -7.74 1.05
CA VAL B 384 -16.05 -6.60 0.14
C VAL B 384 -16.51 -7.01 -1.25
N GLN B 385 -16.15 -8.21 -1.69
CA GLN B 385 -16.62 -8.71 -2.98
C GLN B 385 -18.10 -9.06 -2.94
N LYS B 386 -18.53 -9.72 -1.88
CA LYS B 386 -19.93 -10.01 -1.72
C LYS B 386 -20.73 -8.70 -1.72
N ILE B 387 -20.30 -7.75 -0.88
CA ILE B 387 -21.01 -6.49 -0.69
C ILE B 387 -21.04 -5.65 -1.97
N THR B 388 -19.92 -5.67 -2.68
CA THR B 388 -19.82 -4.96 -3.94
C THR B 388 -20.80 -5.59 -4.89
N THR B 389 -20.82 -6.92 -4.92
CA THR B 389 -21.68 -7.66 -5.82
C THR B 389 -23.15 -7.33 -5.60
N GLU B 390 -23.59 -7.34 -4.34
CA GLU B 390 -24.95 -6.96 -4.00
C GLU B 390 -25.24 -5.53 -4.45
N SER B 391 -24.28 -4.64 -4.30
CA SER B 391 -24.48 -3.25 -4.68
C SER B 391 -24.70 -3.12 -6.16
N ILE B 392 -23.92 -3.85 -6.95
CA ILE B 392 -24.04 -3.79 -8.39
C ILE B 392 -25.43 -4.26 -8.77
N VAL B 393 -25.80 -5.43 -8.24
CA VAL B 393 -27.08 -6.05 -8.58
C VAL B 393 -28.24 -5.17 -8.21
N ILE B 394 -28.15 -4.48 -7.07
CA ILE B 394 -29.26 -3.67 -6.55
C ILE B 394 -29.31 -2.23 -7.08
N TRP B 395 -28.16 -1.62 -7.33
CA TRP B 395 -28.14 -0.22 -7.79
C TRP B 395 -27.26 -0.05 -9.03
N GLY B 396 -26.57 -1.11 -9.43
CA GLY B 396 -25.76 -1.07 -10.62
C GLY B 396 -24.59 -0.13 -10.47
N LYS B 397 -24.13 0.04 -9.22
CA LYS B 397 -23.00 0.90 -8.93
C LYS B 397 -22.09 0.30 -7.84
N THR B 398 -20.86 0.74 -7.83
CA THR B 398 -19.87 0.27 -6.87
C THR B 398 -19.80 1.18 -5.66
N PRO B 399 -19.83 0.60 -4.46
CA PRO B 399 -19.67 1.39 -3.23
C PRO B 399 -18.21 1.74 -2.91
N LYS B 400 -18.00 2.89 -2.28
CA LYS B 400 -16.72 3.24 -1.69
C LYS B 400 -16.63 2.62 -0.29
N PHE B 401 -15.70 1.70 -0.09
CA PHE B 401 -15.61 1.01 1.20
C PHE B 401 -14.75 1.73 2.23
N LYS B 402 -15.19 1.70 3.48
CA LYS B 402 -14.35 2.10 4.61
C LYS B 402 -13.83 0.86 5.32
N LEU B 403 -12.59 0.47 5.03
CA LEU B 403 -12.10 -0.81 5.53
C LEU B 403 -11.47 -0.72 6.92
N PRO B 404 -11.98 -1.51 7.86
CA PRO B 404 -11.50 -1.62 9.23
C PRO B 404 -10.21 -2.46 9.30
N ILE B 405 -9.22 -2.06 8.51
CA ILE B 405 -7.95 -2.74 8.49
C ILE B 405 -6.86 -1.72 8.28
N GLN B 406 -5.66 -2.02 8.72
CA GLN B 406 -4.55 -1.12 8.47
C GLN B 406 -4.20 -1.13 6.99
N LYS B 407 -3.94 0.04 6.42
CA LYS B 407 -3.57 0.15 5.02
C LYS B 407 -2.52 -0.90 4.57
N GLU B 408 -1.33 -0.88 5.16
CA GLU B 408 -0.25 -1.76 4.69
C GLU B 408 -0.64 -3.24 4.75
N THR B 409 -1.24 -3.66 5.86
CA THR B 409 -1.72 -5.03 5.99
C THR B 409 -2.63 -5.38 4.81
N TRP B 410 -3.61 -4.52 4.56
CA TRP B 410 -4.60 -4.77 3.51
C TRP B 410 -3.93 -4.87 2.16
N GLU B 411 -3.03 -3.94 1.90
CA GLU B 411 -2.40 -3.86 0.59
C GLU B 411 -1.32 -4.91 0.42
N THR B 412 -0.94 -5.59 1.50
CA THR B 412 -0.01 -6.71 1.40
C THR B 412 -0.64 -7.97 0.82
N TRP B 413 -1.91 -8.23 1.14
CA TRP B 413 -2.54 -9.50 0.76
C TRP B 413 -3.83 -9.50 -0.07
N TRP B 414 -4.54 -8.39 -0.14
CA TRP B 414 -5.90 -8.48 -0.67
C TRP B 414 -5.96 -9.15 -2.05
N THR B 415 -4.92 -8.98 -2.86
CA THR B 415 -4.92 -9.55 -4.21
C THR B 415 -4.77 -11.06 -4.24
N GLU B 416 -4.24 -11.61 -3.16
CA GLU B 416 -4.15 -13.06 -3.07
C GLU B 416 -5.54 -13.67 -2.85
N TYR B 417 -6.55 -12.82 -2.67
CA TYR B 417 -7.89 -13.31 -2.41
C TYR B 417 -8.96 -12.83 -3.40
N TRP B 418 -8.59 -11.89 -4.27
CA TRP B 418 -9.54 -11.28 -5.20
C TRP B 418 -10.01 -12.23 -6.31
N GLN B 419 -11.27 -12.08 -6.71
CA GLN B 419 -11.86 -12.95 -7.73
C GLN B 419 -12.79 -12.18 -8.66
N ALA B 420 -13.00 -10.90 -8.37
CA ALA B 420 -13.82 -10.04 -9.20
C ALA B 420 -13.02 -9.46 -10.36
N THR B 421 -13.71 -8.98 -11.39
CA THR B 421 -13.01 -8.36 -12.50
C THR B 421 -13.02 -6.85 -12.32
N TRP B 422 -13.90 -6.36 -11.46
CA TRP B 422 -13.86 -4.95 -11.02
C TRP B 422 -13.12 -4.78 -9.68
N ILE B 423 -12.83 -3.52 -9.34
CA ILE B 423 -12.24 -3.19 -8.05
C ILE B 423 -12.85 -1.90 -7.51
N PRO B 424 -13.51 -1.98 -6.35
CA PRO B 424 -14.16 -0.83 -5.71
C PRO B 424 -13.13 0.14 -5.17
N GLU B 425 -13.49 1.41 -5.09
CA GLU B 425 -12.68 2.40 -4.40
C GLU B 425 -12.67 2.01 -2.94
N TRP B 426 -11.63 2.40 -2.20
CA TRP B 426 -11.70 2.25 -0.75
C TRP B 426 -10.85 3.22 0.02
N GLU B 427 -11.00 3.15 1.34
CA GLU B 427 -10.14 3.87 2.26
C GLU B 427 -10.16 3.12 3.57
N PHE B 428 -9.14 3.36 4.39
CA PHE B 428 -8.95 2.61 5.63
C PHE B 428 -9.25 3.51 6.80
N VAL B 429 -9.79 2.91 7.86
CA VAL B 429 -10.29 3.70 8.96
C VAL B 429 -10.03 3.04 10.31
N ASN B 430 -9.79 3.85 11.33
CA ASN B 430 -9.76 3.38 12.71
C ASN B 430 -11.15 3.55 13.32
N THR B 431 -11.94 2.50 13.29
CA THR B 431 -13.30 2.59 13.79
C THR B 431 -13.41 2.47 15.30
N PRO B 432 -14.26 3.32 15.90
CA PRO B 432 -14.55 3.30 17.33
C PRO B 432 -15.14 1.97 17.77
N PRO B 433 -14.60 1.37 18.84
CA PRO B 433 -15.11 0.13 19.43
C PRO B 433 -16.59 0.26 19.83
N LEU B 434 -17.18 1.40 19.52
CA LEU B 434 -18.58 1.67 19.82
C LEU B 434 -19.49 1.13 18.72
N VAL B 435 -19.25 1.56 17.48
CA VAL B 435 -20.08 1.17 16.35
C VAL B 435 -20.06 -0.34 16.14
N LYS B 436 -18.98 -0.99 16.53
CA LYS B 436 -18.90 -2.44 16.39
C LYS B 436 -19.96 -3.12 17.27
N LEU B 437 -20.28 -2.49 18.40
CA LEU B 437 -21.22 -3.05 19.35
C LEU B 437 -22.65 -2.61 19.02
N TRP B 438 -22.76 -1.42 18.44
CA TRP B 438 -24.05 -0.91 18.01
C TRP B 438 -24.74 -1.90 17.07
N TYR B 439 -23.97 -2.52 16.18
CA TYR B 439 -24.51 -3.44 15.18
C TYR B 439 -24.36 -4.90 15.57
N GLN B 440 -23.69 -5.16 16.70
CA GLN B 440 -23.49 -6.52 17.18
C GLN B 440 -24.77 -7.36 17.12
N LEU B 441 -24.60 -8.67 17.11
CA LEU B 441 -25.72 -9.60 17.12
C LEU B 441 -25.84 -10.33 18.44
N GLU B 442 -26.81 -11.23 18.54
CA GLU B 442 -27.07 -11.96 19.80
C GLU B 442 -26.89 -13.47 19.66
N1 DOC C 21 25.12 4.38 -10.92
C2 DOC C 21 24.38 5.57 -11.09
N3 DOC C 21 24.63 6.62 -10.28
C4 DOC C 21 25.54 6.52 -9.32
C5 DOC C 21 26.28 5.32 -9.10
C6 DOC C 21 26.04 4.28 -9.92
O2 DOC C 21 23.53 5.62 -11.99
N4 DOC C 21 25.76 7.60 -8.57
C1' DOC C 21 24.89 3.28 -11.87
C2' DOC C 21 25.86 3.22 -13.05
C3' DOC C 21 26.71 1.99 -12.77
C4' DOC C 21 25.78 1.11 -11.94
O4' DOC C 21 24.98 2.05 -11.18
C5' DOC C 21 26.52 0.18 -11.01
O5' DOC C 21 27.45 0.88 -10.20
P DOC C 21 28.06 0.17 -8.91
OP1 DOC C 21 28.74 -1.08 -9.29
OP2 DOC C 21 28.80 1.18 -8.12
S SO4 E . -19.35 -2.50 45.65
O1 SO4 E . -18.34 -3.51 45.32
O2 SO4 E . -18.74 -1.15 45.54
O3 SO4 E . -20.50 -2.60 44.74
O4 SO4 E . -19.81 -2.71 47.04
S SO4 F . 20.43 -15.78 16.05
O1 SO4 F . 20.14 -14.34 16.13
O2 SO4 F . 21.78 -16.04 16.60
O3 SO4 F . 19.42 -16.51 16.85
O4 SO4 F . 20.36 -16.23 14.65
MG MG G . 30.10 1.89 -18.12
MG MG H . -16.67 14.21 29.35
C1 914 I . 26.14 5.82 -16.02
F1 914 I . 25.38 9.23 -16.56
N1 914 I . 25.82 8.11 -13.69
O1 914 I . 25.47 6.14 -14.87
P1 914 I . 29.63 4.09 -15.72
C2 914 I . 26.16 7.08 -16.82
N2 914 I . 27.28 8.30 -11.95
O2 914 I . 27.37 5.45 -15.61
P2 914 I . 30.47 5.25 -18.44
C3 914 I . 25.54 8.00 -16.13
N3 914 I . 24.89 10.44 -13.68
O3 914 I . 29.83 2.62 -15.73
P3 914 I . 33.08 3.73 -18.71
C4 914 I . 25.06 7.48 -14.80
N4 914 I . 25.93 11.79 -11.93
O4 914 I . 30.52 4.98 -16.80
C5 914 I . 25.72 9.41 -13.23
N5 914 I . 27.58 11.00 -10.46
O5 914 I . 30.48 6.73 -18.68
C6 914 I . 26.66 9.48 -12.13
O6 914 I . 31.80 4.55 -19.06
C7 914 I . 26.77 7.54 -12.87
O7 914 I . 33.89 4.61 -17.77
C8 914 I . 25.06 11.58 -12.98
O8 914 I . 29.85 4.84 -14.47
C9 914 I . 26.74 10.75 -11.49
O9 914 I . 29.35 4.49 -19.01
C10 914 I . 27.97 4.52 -16.40
O10 914 I . 32.60 2.45 -18.07
O11 914 I . 33.74 3.50 -20.07
S SO4 J . 13.43 10.87 -1.31
O1 SO4 J . 12.58 11.88 -1.98
O2 SO4 J . 14.59 11.55 -0.70
O3 SO4 J . 12.65 10.20 -0.26
O4 SO4 J . 13.90 9.89 -2.30
#